data_7EHA
#
_entry.id   7EHA
#
_cell.length_a   141.283
_cell.length_b   141.283
_cell.length_c   153.487
_cell.angle_alpha   90.0
_cell.angle_beta   90.0
_cell.angle_gamma   120.0
#
_symmetry.space_group_name_H-M   'P 32 2 1'
#
_entity_poly.entity_id   1
_entity_poly.type   'polypeptide(L)'
_entity_poly.pdbx_seq_one_letter_code
;MSIAVNMNDPTNTGVKTTTGSGSMTGSNAADLQSSFLTLLVAQLKNQDPTNPLQNNELTTQLAQISTVSGIEKLNTTLGA
ISGQIDNSQSLQATTLIGHGVMVPGTTILAGKGAEEGAVTSTTPFGVELQQPADKVTATITDKDGRVVRTLEIGELRAGV
HTFTWDGKQTDGTTVPNGSYNIAITASNGGTQLVAQPLQFALVQGVTKGSNGNLLDLGTYGTTTLDEVRQII
;
_entity_poly.pdbx_strand_id   A,B,C,D,E
#
# COMPACT_ATOMS: atom_id res chain seq x y z
N ASN A 56 35.86 -43.20 2.23
CA ASN A 56 35.40 -42.31 1.16
C ASN A 56 33.95 -42.61 0.76
N GLU A 57 33.61 -43.89 0.70
CA GLU A 57 32.24 -44.30 0.38
C GLU A 57 31.26 -43.79 1.42
N LEU A 58 31.69 -43.82 2.68
CA LEU A 58 30.88 -43.35 3.80
C LEU A 58 30.64 -41.85 3.69
N THR A 59 31.70 -41.11 3.37
CA THR A 59 31.64 -39.65 3.30
C THR A 59 30.83 -39.16 2.10
N THR A 60 30.83 -39.93 1.02
CA THR A 60 30.04 -39.59 -0.15
C THR A 60 28.55 -39.70 0.15
N GLN A 61 28.17 -40.77 0.82
CA GLN A 61 26.78 -40.99 1.21
C GLN A 61 26.31 -39.94 2.21
N LEU A 62 27.25 -39.41 2.99
CA LEU A 62 26.93 -38.36 3.96
C LEU A 62 26.52 -37.08 3.24
N ALA A 63 27.26 -36.74 2.19
CA ALA A 63 26.99 -35.52 1.42
C ALA A 63 25.78 -35.69 0.50
N GLN A 64 25.41 -36.94 0.22
CA GLN A 64 24.26 -37.23 -0.63
C GLN A 64 22.95 -37.00 0.13
N ILE A 65 22.86 -37.58 1.33
CA ILE A 65 21.67 -37.46 2.17
C ILE A 65 21.41 -36.01 2.57
N SER A 66 22.49 -35.23 2.69
CA SER A 66 22.38 -33.82 3.03
C SER A 66 21.76 -33.02 1.89
N THR A 67 22.07 -33.39 0.65
CA THR A 67 21.47 -32.76 -0.51
C THR A 67 19.99 -33.08 -0.58
N VAL A 68 19.66 -34.34 -0.29
CA VAL A 68 18.28 -34.81 -0.29
C VAL A 68 17.47 -34.10 0.79
N SER A 69 18.06 -34.00 1.98
CA SER A 69 17.40 -33.30 3.09
C SER A 69 17.29 -31.81 2.79
N GLY A 70 18.31 -31.26 2.14
CA GLY A 70 18.32 -29.85 1.77
C GLY A 70 17.29 -29.50 0.73
N ILE A 71 17.11 -30.38 -0.26
CA ILE A 71 16.09 -30.19 -1.29
C ILE A 71 14.70 -30.32 -0.67
N GLU A 72 14.51 -31.30 0.21
CA GLU A 72 13.24 -31.49 0.90
C GLU A 72 13.04 -30.42 1.97
N LYS A 73 14.06 -29.58 2.15
CA LYS A 73 14.00 -28.47 3.10
C LYS A 73 13.64 -27.18 2.36
N LEU A 74 14.03 -27.11 1.09
CA LEU A 74 13.77 -25.92 0.27
C LEU A 74 12.30 -25.79 -0.12
N ASN A 75 11.69 -26.87 -0.59
CA ASN A 75 10.29 -26.84 -0.98
C ASN A 75 9.36 -26.61 0.22
N THR A 76 9.81 -27.01 1.41
CA THR A 76 9.04 -26.78 2.63
C THR A 76 9.17 -25.32 3.07
N THR A 77 10.34 -24.74 2.83
CA THR A 77 10.59 -23.32 3.11
C THR A 77 9.88 -22.43 2.09
N LEU A 78 9.83 -22.88 0.84
CA LEU A 78 9.13 -22.15 -0.23
C LEU A 78 7.62 -22.18 0.02
N GLY A 79 7.16 -23.27 0.64
CA GLY A 79 5.75 -23.42 0.96
C GLY A 79 5.30 -22.36 1.95
N ALA A 80 6.21 -22.01 2.86
CA ALA A 80 5.98 -20.91 3.78
C ALA A 80 5.84 -19.61 2.99
N ILE A 81 6.72 -19.42 2.00
CA ILE A 81 6.71 -18.24 1.16
C ILE A 81 5.41 -18.13 0.36
N SER A 82 5.00 -19.23 -0.26
CA SER A 82 3.76 -19.27 -1.04
C SER A 82 2.55 -19.03 -0.14
N GLY A 83 2.70 -19.35 1.14
CA GLY A 83 1.66 -19.12 2.12
C GLY A 83 1.71 -17.71 2.69
N GLN A 84 2.92 -17.14 2.69
CA GLN A 84 3.12 -15.74 3.08
C GLN A 84 2.56 -14.80 2.02
N ILE A 85 2.63 -15.23 0.76
CA ILE A 85 2.09 -14.48 -0.37
C ILE A 85 0.58 -14.32 -0.25
N ASP A 86 -0.09 -15.40 0.13
CA ASP A 86 -1.55 -15.42 0.27
C ASP A 86 -2.01 -14.52 1.40
N ASN A 87 -1.26 -14.52 2.50
CA ASN A 87 -1.54 -13.62 3.61
C ASN A 87 -1.23 -12.18 3.23
N SER A 88 -0.22 -11.98 2.39
CA SER A 88 0.12 -10.66 1.89
C SER A 88 -0.99 -10.17 0.96
N GLN A 89 -1.56 -11.09 0.21
CA GLN A 89 -2.66 -10.77 -0.70
C GLN A 89 -3.90 -10.34 0.06
N SER A 90 -4.10 -10.92 1.24
CA SER A 90 -5.21 -10.56 2.10
C SER A 90 -4.99 -9.19 2.70
N LEU A 91 -3.72 -8.83 2.88
CA LEU A 91 -3.36 -7.55 3.45
C LEU A 91 -3.55 -6.42 2.45
N GLN A 92 -3.31 -6.70 1.17
CA GLN A 92 -3.54 -5.71 0.12
C GLN A 92 -5.03 -5.70 -0.22
N ALA A 93 -5.71 -6.78 0.13
CA ALA A 93 -7.16 -6.88 -0.04
C ALA A 93 -7.85 -5.93 0.93
N THR A 94 -7.14 -5.56 1.99
CA THR A 94 -7.63 -4.61 2.97
C THR A 94 -7.86 -3.23 2.35
N THR A 95 -7.11 -2.92 1.31
CA THR A 95 -7.27 -1.67 0.59
C THR A 95 -8.65 -1.59 -0.05
N LEU A 96 -9.27 -2.75 -0.27
CA LEU A 96 -10.60 -2.81 -0.84
C LEU A 96 -11.68 -2.50 0.20
N ILE A 97 -11.31 -2.57 1.47
CA ILE A 97 -12.28 -2.44 2.56
C ILE A 97 -12.99 -1.08 2.58
N GLY A 98 -12.25 -0.01 2.36
CA GLY A 98 -12.88 1.29 2.23
C GLY A 98 -13.81 1.33 1.01
N HIS A 99 -13.37 0.68 -0.05
CA HIS A 99 -14.01 0.78 -1.36
C HIS A 99 -15.31 -0.02 -1.50
N GLY A 100 -15.97 0.18 -2.64
CA GLY A 100 -17.19 -0.54 -2.98
C GLY A 100 -17.04 -1.25 -4.31
N VAL A 101 -17.78 -2.34 -4.49
CA VAL A 101 -17.64 -3.15 -5.70
C VAL A 101 -18.95 -3.32 -6.46
N MET A 102 -18.85 -3.82 -7.68
CA MET A 102 -20.02 -4.10 -8.51
C MET A 102 -20.16 -5.61 -8.72
N VAL A 103 -21.19 -6.19 -8.12
CA VAL A 103 -21.38 -7.64 -8.14
C VAL A 103 -22.72 -7.99 -8.78
N PRO A 104 -22.93 -9.29 -9.12
CA PRO A 104 -24.22 -9.72 -9.64
C PRO A 104 -25.38 -9.41 -8.71
N GLY A 105 -26.38 -8.70 -9.22
CA GLY A 105 -27.52 -8.29 -8.43
C GLY A 105 -28.37 -7.29 -9.19
N THR A 106 -29.48 -6.87 -8.58
CA THR A 106 -30.39 -5.93 -9.23
C THR A 106 -30.82 -4.80 -8.32
N THR A 107 -30.28 -4.77 -7.10
CA THR A 107 -30.71 -3.77 -6.12
C THR A 107 -30.12 -2.40 -6.38
N ILE A 108 -30.95 -1.37 -6.31
CA ILE A 108 -30.49 0.02 -6.36
C ILE A 108 -31.05 0.79 -5.19
N LEU A 109 -30.18 1.45 -4.43
CA LEU A 109 -30.60 2.20 -3.24
C LEU A 109 -30.67 3.71 -3.52
N ALA A 110 -31.54 4.40 -2.79
CA ALA A 110 -31.66 5.85 -2.88
C ALA A 110 -31.80 6.48 -1.50
N GLY A 111 -31.25 7.68 -1.32
CA GLY A 111 -31.33 8.35 -0.04
C GLY A 111 -30.93 9.83 -0.01
N LYS A 112 -31.32 10.50 1.06
CA LYS A 112 -30.91 11.88 1.31
C LYS A 112 -30.10 11.98 2.60
N GLY A 113 -29.30 13.03 2.71
CA GLY A 113 -28.54 13.27 3.92
C GLY A 113 -29.38 13.96 4.99
N ALA A 114 -28.84 14.03 6.20
CA ALA A 114 -29.54 14.68 7.31
C ALA A 114 -29.63 16.18 7.09
N GLU A 115 -28.84 16.68 6.14
CA GLU A 115 -28.83 18.10 5.80
C GLU A 115 -30.13 18.51 5.12
N GLU A 116 -30.43 19.80 5.17
CA GLU A 116 -31.57 20.35 4.43
C GLU A 116 -31.08 20.94 3.11
N GLY A 117 -31.88 20.80 2.07
CA GLY A 117 -31.47 21.17 0.73
C GLY A 117 -30.66 20.04 0.14
N ALA A 118 -30.71 18.88 0.79
CA ALA A 118 -29.97 17.71 0.38
C ALA A 118 -30.59 17.09 -0.88
N VAL A 119 -29.74 16.63 -1.78
CA VAL A 119 -30.19 16.03 -3.03
C VAL A 119 -30.08 14.51 -3.00
N THR A 120 -31.12 13.84 -3.48
CA THR A 120 -31.15 12.37 -3.49
C THR A 120 -30.11 11.79 -4.45
N SER A 121 -29.39 10.78 -3.98
CA SER A 121 -28.41 10.07 -4.80
C SER A 121 -28.73 8.57 -4.83
N THR A 122 -28.22 7.87 -5.84
CA THR A 122 -28.44 6.43 -5.97
C THR A 122 -27.14 5.65 -6.13
N THR A 123 -27.10 4.46 -5.54
CA THR A 123 -25.98 3.55 -5.75
C THR A 123 -25.95 3.12 -7.21
N PRO A 124 -24.76 3.11 -7.82
CA PRO A 124 -24.64 2.80 -9.25
C PRO A 124 -24.98 1.36 -9.58
N PHE A 125 -25.40 1.12 -10.81
CA PHE A 125 -25.74 -0.21 -11.28
C PHE A 125 -24.97 -0.51 -12.55
N GLY A 126 -25.07 -1.74 -13.04
CA GLY A 126 -24.36 -2.10 -14.25
C GLY A 126 -24.79 -3.41 -14.88
N VAL A 127 -24.07 -3.80 -15.93
CA VAL A 127 -24.41 -4.99 -16.70
C VAL A 127 -23.17 -5.60 -17.36
N GLU A 128 -23.05 -6.92 -17.30
CA GLU A 128 -21.97 -7.61 -17.99
C GLU A 128 -22.51 -8.38 -19.20
N LEU A 129 -21.83 -8.26 -20.34
CA LEU A 129 -22.25 -8.90 -21.58
C LEU A 129 -21.17 -9.80 -22.17
N GLN A 130 -21.60 -10.87 -22.85
CA GLN A 130 -20.66 -11.75 -23.55
C GLN A 130 -20.50 -11.30 -25.00
N GLN A 131 -21.58 -10.79 -25.58
CA GLN A 131 -21.55 -10.23 -26.93
C GLN A 131 -21.94 -8.77 -26.88
N PRO A 132 -21.57 -7.99 -27.91
CA PRO A 132 -21.99 -6.59 -27.95
C PRO A 132 -23.48 -6.47 -28.25
N ALA A 133 -24.10 -5.38 -27.81
CA ALA A 133 -25.53 -5.17 -28.06
C ALA A 133 -25.82 -3.76 -28.60
N ASP A 134 -26.81 -3.69 -29.50
CA ASP A 134 -27.24 -2.41 -30.08
C ASP A 134 -28.44 -1.82 -29.34
N LYS A 135 -29.19 -2.70 -28.69
CA LYS A 135 -30.34 -2.30 -27.88
C LYS A 135 -30.18 -2.84 -26.47
N VAL A 136 -30.16 -1.94 -25.49
CA VAL A 136 -30.07 -2.32 -24.09
C VAL A 136 -31.03 -1.47 -23.25
N THR A 137 -32.04 -2.10 -22.69
CA THR A 137 -33.01 -1.38 -21.87
C THR A 137 -32.89 -1.75 -20.40
N ALA A 138 -33.16 -0.78 -19.54
CA ALA A 138 -33.09 -0.97 -18.10
C ALA A 138 -34.36 -0.48 -17.44
N THR A 139 -35.15 -1.41 -16.91
CA THR A 139 -36.40 -1.07 -16.24
C THR A 139 -36.22 -1.01 -14.73
N ILE A 140 -36.63 0.10 -14.13
CA ILE A 140 -36.55 0.25 -12.69
C ILE A 140 -37.93 0.22 -12.03
N THR A 141 -38.12 -0.73 -11.12
CA THR A 141 -39.35 -0.80 -10.35
C THR A 141 -39.08 -0.69 -8.86
N ASP A 142 -40.09 -0.27 -8.11
CA ASP A 142 -39.97 -0.22 -6.65
C ASP A 142 -40.45 -1.55 -6.05
N LYS A 143 -40.51 -1.59 -4.73
CA LYS A 143 -40.86 -2.82 -4.03
C LYS A 143 -42.28 -3.26 -4.33
N ASP A 144 -43.16 -2.31 -4.63
CA ASP A 144 -44.55 -2.62 -4.95
C ASP A 144 -44.67 -3.24 -6.33
N GLY A 145 -43.73 -2.92 -7.21
CA GLY A 145 -43.70 -3.54 -8.52
C GLY A 145 -44.01 -2.60 -9.67
N ARG A 146 -44.41 -1.37 -9.36
CA ARG A 146 -44.70 -0.40 -10.42
C ARG A 146 -43.40 0.11 -11.03
N VAL A 147 -43.41 0.31 -12.35
CA VAL A 147 -42.26 0.85 -13.05
C VAL A 147 -42.18 2.35 -12.83
N VAL A 148 -41.10 2.80 -12.18
CA VAL A 148 -40.94 4.23 -11.93
C VAL A 148 -40.12 4.91 -13.03
N ARG A 149 -39.28 4.13 -13.69
CA ARG A 149 -38.41 4.68 -14.73
C ARG A 149 -37.87 3.59 -15.65
N THR A 150 -37.96 3.84 -16.96
CA THR A 150 -37.34 2.96 -17.95
C THR A 150 -36.18 3.70 -18.59
N LEU A 151 -35.04 3.03 -18.73
CA LEU A 151 -33.84 3.67 -19.24
C LEU A 151 -33.35 3.03 -20.53
N GLU A 152 -33.23 3.84 -21.58
CA GLU A 152 -32.64 3.37 -22.83
C GLU A 152 -31.15 3.68 -22.83
N ILE A 153 -30.34 2.64 -22.67
CA ILE A 153 -28.90 2.82 -22.49
C ILE A 153 -28.17 2.95 -23.83
N GLY A 154 -28.62 2.21 -24.84
CA GLY A 154 -28.03 2.30 -26.16
C GLY A 154 -27.12 1.15 -26.50
N GLU A 155 -26.18 1.39 -27.41
CA GLU A 155 -25.24 0.36 -27.81
C GLU A 155 -24.22 0.08 -26.71
N LEU A 156 -23.79 -1.18 -26.62
CA LEU A 156 -22.77 -1.58 -25.66
C LEU A 156 -21.86 -2.62 -26.26
N ARG A 157 -20.56 -2.50 -25.99
CA ARG A 157 -19.62 -3.53 -26.39
C ARG A 157 -19.65 -4.60 -25.31
N ALA A 158 -19.17 -5.80 -25.64
CA ALA A 158 -19.11 -6.87 -24.65
C ALA A 158 -18.24 -6.45 -23.48
N GLY A 159 -18.53 -7.02 -22.30
CA GLY A 159 -17.77 -6.69 -21.12
C GLY A 159 -18.62 -6.06 -20.03
N VAL A 160 -17.97 -5.30 -19.15
CA VAL A 160 -18.64 -4.73 -18.00
C VAL A 160 -18.89 -3.23 -18.19
N HIS A 161 -20.11 -2.79 -17.92
CA HIS A 161 -20.48 -1.38 -18.04
C HIS A 161 -21.34 -0.96 -16.86
N THR A 162 -20.97 0.14 -16.20
CA THR A 162 -21.70 0.61 -15.03
C THR A 162 -22.23 2.02 -15.22
N PHE A 163 -23.40 2.29 -14.63
CA PHE A 163 -24.06 3.58 -14.74
C PHE A 163 -24.60 4.02 -13.40
N THR A 164 -25.08 5.26 -13.33
CA THR A 164 -25.69 5.76 -12.11
C THR A 164 -27.00 6.46 -12.40
N TRP A 165 -28.08 5.94 -11.80
CA TRP A 165 -29.41 6.50 -11.96
C TRP A 165 -29.51 7.86 -11.28
N ASP A 166 -30.21 8.80 -11.93
CA ASP A 166 -30.39 10.14 -11.36
C ASP A 166 -31.36 10.12 -10.18
N GLY A 167 -32.12 9.04 -10.05
CA GLY A 167 -33.02 8.88 -8.93
C GLY A 167 -34.30 9.69 -9.08
N LYS A 168 -34.67 10.01 -10.31
CA LYS A 168 -35.90 10.70 -10.58
C LYS A 168 -36.73 9.93 -11.60
N GLN A 169 -38.01 9.77 -11.31
CA GLN A 169 -38.88 8.92 -12.12
C GLN A 169 -39.29 9.59 -13.44
N THR A 170 -40.20 8.94 -14.16
CA THR A 170 -40.56 9.34 -15.52
C THR A 170 -41.27 10.70 -15.58
N ASP A 171 -42.17 10.95 -14.64
CA ASP A 171 -42.92 12.21 -14.63
C ASP A 171 -41.99 13.39 -14.33
N GLY A 172 -40.85 13.09 -13.72
CA GLY A 172 -39.84 14.09 -13.45
C GLY A 172 -39.60 14.34 -11.97
N THR A 173 -40.36 13.67 -11.11
CA THR A 173 -40.23 13.89 -9.67
C THR A 173 -39.17 12.95 -9.07
N THR A 174 -38.71 13.28 -7.87
CA THR A 174 -37.71 12.48 -7.17
C THR A 174 -38.33 11.30 -6.45
N VAL A 175 -37.74 10.11 -6.61
CA VAL A 175 -38.25 8.91 -5.95
C VAL A 175 -37.96 8.93 -4.45
N PRO A 176 -38.87 8.36 -3.65
CA PRO A 176 -38.70 8.33 -2.19
C PRO A 176 -37.50 7.50 -1.77
N ASN A 177 -37.02 7.73 -0.56
CA ASN A 177 -35.89 6.97 -0.03
C ASN A 177 -36.28 5.52 0.23
N GLY A 178 -35.54 4.60 -0.39
CA GLY A 178 -35.82 3.19 -0.24
C GLY A 178 -35.02 2.34 -1.22
N SER A 179 -35.46 1.10 -1.36
CA SER A 179 -34.78 0.14 -2.21
C SER A 179 -35.52 -0.03 -3.54
N TYR A 180 -34.76 -0.10 -4.64
CA TYR A 180 -35.34 -0.27 -5.97
C TYR A 180 -34.63 -1.39 -6.72
N ASN A 181 -35.23 -1.86 -7.80
CA ASN A 181 -34.69 -2.98 -8.57
C ASN A 181 -34.51 -2.69 -10.05
N ILE A 182 -33.39 -3.14 -10.60
CA ILE A 182 -33.07 -2.93 -12.01
C ILE A 182 -33.34 -4.20 -12.82
N ALA A 183 -33.82 -4.01 -14.05
CA ALA A 183 -34.07 -5.13 -14.96
C ALA A 183 -33.53 -4.79 -16.32
N ILE A 184 -32.57 -5.58 -16.79
CA ILE A 184 -31.87 -5.23 -18.02
C ILE A 184 -32.06 -6.28 -19.11
N THR A 185 -32.45 -5.81 -20.29
CA THR A 185 -32.56 -6.67 -21.45
C THR A 185 -31.66 -6.15 -22.56
N ALA A 186 -30.86 -7.04 -23.14
CA ALA A 186 -29.92 -6.67 -24.19
C ALA A 186 -30.07 -7.59 -25.39
N SER A 187 -30.16 -7.01 -26.58
CA SER A 187 -30.28 -7.79 -27.80
C SER A 187 -29.37 -7.27 -28.90
N ASN A 188 -29.01 -8.14 -29.82
CA ASN A 188 -28.20 -7.77 -30.97
C ASN A 188 -28.89 -8.13 -32.27
N GLY A 189 -29.57 -7.15 -32.86
CA GLY A 189 -30.29 -7.37 -34.10
C GLY A 189 -31.47 -8.31 -33.89
N GLY A 190 -32.30 -7.99 -32.91
CA GLY A 190 -33.50 -8.78 -32.66
C GLY A 190 -33.23 -10.07 -31.91
N THR A 191 -31.95 -10.40 -31.73
CA THR A 191 -31.57 -11.61 -31.02
C THR A 191 -31.15 -11.26 -29.59
N GLN A 192 -31.98 -11.63 -28.62
CA GLN A 192 -31.75 -11.30 -27.24
C GLN A 192 -30.49 -11.98 -26.71
N LEU A 193 -29.79 -11.28 -25.82
CA LEU A 193 -28.53 -11.76 -25.26
C LEU A 193 -28.65 -12.03 -23.77
N VAL A 194 -27.74 -12.84 -23.24
CA VAL A 194 -27.63 -13.04 -21.81
C VAL A 194 -26.95 -11.83 -21.18
N ALA A 195 -27.67 -11.15 -20.29
CA ALA A 195 -27.12 -9.97 -19.62
C ALA A 195 -27.12 -10.19 -18.11
N GLN A 196 -25.93 -10.11 -17.52
CA GLN A 196 -25.79 -10.22 -16.07
C GLN A 196 -25.86 -8.83 -15.43
N PRO A 197 -26.95 -8.56 -14.70
CA PRO A 197 -27.13 -7.28 -14.02
C PRO A 197 -26.18 -7.13 -12.83
N LEU A 198 -25.71 -5.91 -12.60
CA LEU A 198 -24.76 -5.64 -11.52
C LEU A 198 -25.28 -4.59 -10.56
N GLN A 199 -25.02 -4.79 -9.26
CA GLN A 199 -25.41 -3.81 -8.26
C GLN A 199 -24.21 -3.35 -7.44
N PHE A 200 -24.35 -2.17 -6.85
CA PHE A 200 -23.28 -1.61 -6.03
C PHE A 200 -23.31 -2.27 -4.65
N ALA A 201 -22.13 -2.56 -4.14
CA ALA A 201 -21.99 -3.14 -2.81
C ALA A 201 -20.72 -2.64 -2.18
N LEU A 202 -20.85 -2.03 -1.02
CA LEU A 202 -19.72 -1.49 -0.28
C LEU A 202 -19.00 -2.60 0.48
N VAL A 203 -17.68 -2.70 0.29
CA VAL A 203 -16.89 -3.68 1.03
C VAL A 203 -16.79 -3.22 2.48
N GLN A 204 -16.95 -4.14 3.42
CA GLN A 204 -16.96 -3.77 4.83
C GLN A 204 -15.92 -4.54 5.62
N GLY A 205 -15.25 -5.47 4.94
CA GLY A 205 -14.17 -6.20 5.56
C GLY A 205 -13.71 -7.40 4.76
N VAL A 206 -12.60 -7.99 5.17
CA VAL A 206 -12.08 -9.19 4.55
C VAL A 206 -12.21 -10.37 5.51
N THR A 207 -12.89 -11.42 5.05
CA THR A 207 -13.19 -12.58 5.88
C THR A 207 -12.41 -13.78 5.40
N LYS A 208 -12.16 -14.74 6.29
CA LYS A 208 -11.50 -15.98 5.92
C LYS A 208 -12.46 -17.17 5.98
N GLY A 209 -12.81 -17.67 4.80
CA GLY A 209 -13.67 -18.85 4.71
C GLY A 209 -12.92 -20.14 4.98
N SER A 210 -13.37 -21.24 4.39
CA SER A 210 -12.71 -22.53 4.61
C SER A 210 -11.78 -22.88 3.45
N ASN A 211 -11.98 -22.22 2.32
CA ASN A 211 -11.22 -22.53 1.11
C ASN A 211 -10.38 -21.34 0.60
N GLY A 212 -10.88 -20.14 0.83
CA GLY A 212 -10.20 -18.93 0.39
C GLY A 212 -10.80 -17.66 0.94
N ASN A 213 -10.00 -16.59 0.97
CA ASN A 213 -10.42 -15.31 1.50
C ASN A 213 -11.63 -14.73 0.78
N LEU A 214 -12.53 -14.13 1.53
CA LEU A 214 -13.76 -13.56 0.97
C LEU A 214 -13.88 -12.07 1.29
N LEU A 215 -14.70 -11.38 0.52
CA LEU A 215 -15.02 -9.98 0.81
C LEU A 215 -16.37 -9.88 1.51
N ASP A 216 -16.40 -9.21 2.64
CA ASP A 216 -17.68 -9.03 3.35
C ASP A 216 -18.38 -7.76 2.88
N LEU A 217 -19.53 -7.94 2.25
CA LEU A 217 -20.28 -6.83 1.70
C LEU A 217 -21.49 -6.48 2.57
N GLY A 218 -21.53 -7.05 3.77
CA GLY A 218 -22.59 -6.75 4.71
C GLY A 218 -23.93 -7.34 4.31
N THR A 219 -24.89 -6.46 4.05
CA THR A 219 -26.24 -6.85 3.64
C THR A 219 -26.23 -7.85 2.49
N TYR A 220 -25.45 -7.56 1.46
CA TYR A 220 -25.35 -8.45 0.30
C TYR A 220 -24.70 -9.77 0.68
N GLY A 221 -23.97 -9.78 1.79
CA GLY A 221 -23.30 -10.99 2.25
C GLY A 221 -21.83 -11.01 1.88
N THR A 222 -21.35 -12.16 1.44
CA THR A 222 -19.94 -12.28 1.08
C THR A 222 -19.79 -12.64 -0.39
N THR A 223 -18.56 -12.53 -0.89
CA THR A 223 -18.24 -12.90 -2.25
C THR A 223 -16.75 -13.14 -2.42
N THR A 224 -16.40 -13.98 -3.39
CA THR A 224 -15.01 -14.15 -3.76
C THR A 224 -14.59 -12.92 -4.56
N LEU A 225 -13.31 -12.83 -4.88
CA LEU A 225 -12.81 -11.68 -5.60
C LEU A 225 -13.08 -11.79 -7.09
N ASP A 226 -13.03 -13.02 -7.62
CA ASP A 226 -13.23 -13.23 -9.06
C ASP A 226 -14.67 -12.96 -9.47
N GLU A 227 -15.56 -12.94 -8.48
CA GLU A 227 -16.97 -12.68 -8.73
C GLU A 227 -17.27 -11.19 -8.76
N VAL A 228 -16.23 -10.38 -8.58
CA VAL A 228 -16.38 -8.93 -8.67
C VAL A 228 -16.12 -8.44 -10.09
N ARG A 229 -17.06 -7.66 -10.63
CA ARG A 229 -16.93 -7.17 -11.99
C ARG A 229 -16.21 -5.83 -12.07
N GLN A 230 -16.29 -5.05 -10.99
CA GLN A 230 -15.64 -3.75 -10.96
C GLN A 230 -15.36 -3.28 -9.55
N ILE A 231 -14.25 -2.57 -9.36
CA ILE A 231 -13.91 -1.99 -8.07
C ILE A 231 -13.96 -0.47 -8.15
N ILE A 232 -14.76 0.16 -7.30
CA ILE A 232 -14.85 1.63 -7.30
C ILE A 232 -14.16 2.18 -6.05
N LEU B 62 34.53 -33.09 -5.89
CA LEU B 62 34.59 -31.72 -6.39
C LEU B 62 33.23 -31.04 -6.33
N ALA B 63 32.38 -31.38 -7.29
CA ALA B 63 31.09 -30.75 -7.47
C ALA B 63 30.09 -31.12 -6.37
N GLN B 64 30.21 -32.32 -5.81
CA GLN B 64 29.24 -32.81 -4.84
C GLN B 64 29.10 -31.90 -3.62
N ILE B 65 30.21 -31.67 -2.92
CA ILE B 65 30.17 -30.87 -1.68
C ILE B 65 29.77 -29.42 -1.96
N SER B 66 30.09 -28.93 -3.16
CA SER B 66 29.67 -27.60 -3.59
C SER B 66 28.14 -27.54 -3.66
N THR B 67 27.56 -28.49 -4.39
CA THR B 67 26.10 -28.61 -4.47
C THR B 67 25.48 -28.75 -3.08
N VAL B 68 26.18 -29.44 -2.18
CA VAL B 68 25.71 -29.55 -0.80
C VAL B 68 25.63 -28.16 -0.18
N SER B 69 26.71 -27.39 -0.36
CA SER B 69 26.74 -26.01 0.11
C SER B 69 25.78 -25.15 -0.71
N GLY B 70 25.75 -25.40 -2.02
CA GLY B 70 24.91 -24.64 -2.94
C GLY B 70 23.44 -24.70 -2.60
N ILE B 71 22.95 -25.89 -2.28
CA ILE B 71 21.56 -26.05 -1.88
C ILE B 71 21.33 -25.26 -0.59
N GLU B 72 22.28 -25.40 0.34
CA GLU B 72 22.25 -24.68 1.61
C GLU B 72 22.47 -23.16 1.44
N LYS B 73 23.27 -22.78 0.45
CA LYS B 73 23.50 -21.36 0.17
C LYS B 73 22.24 -20.67 -0.37
N LEU B 74 21.53 -21.36 -1.25
CA LEU B 74 20.26 -20.84 -1.77
C LEU B 74 19.26 -20.69 -0.62
N ASN B 75 19.29 -21.63 0.31
CA ASN B 75 18.39 -21.61 1.46
C ASN B 75 18.57 -20.44 2.40
N THR B 76 19.83 -20.11 2.71
CA THR B 76 20.13 -19.01 3.61
C THR B 76 19.65 -17.69 3.03
N THR B 77 19.82 -17.52 1.72
CA THR B 77 19.36 -16.32 1.03
C THR B 77 17.83 -16.34 0.94
N LEU B 78 17.26 -17.51 0.67
CA LEU B 78 15.82 -17.69 0.57
C LEU B 78 15.13 -17.55 1.93
N GLY B 79 15.87 -17.89 2.98
CA GLY B 79 15.40 -17.68 4.34
C GLY B 79 15.23 -16.19 4.61
N ALA B 80 16.16 -15.40 4.08
CA ALA B 80 16.10 -13.95 4.17
C ALA B 80 14.89 -13.41 3.41
N ILE B 81 14.57 -14.04 2.28
CA ILE B 81 13.42 -13.63 1.47
C ILE B 81 12.14 -13.77 2.28
N SER B 82 11.99 -14.90 2.97
CA SER B 82 10.85 -15.12 3.85
C SER B 82 10.83 -14.07 4.97
N GLY B 83 12.01 -13.74 5.48
CA GLY B 83 12.16 -12.73 6.50
C GLY B 83 11.75 -11.37 5.98
N GLN B 84 12.14 -11.09 4.73
CA GLN B 84 11.79 -9.84 4.07
C GLN B 84 10.27 -9.73 3.88
N ILE B 85 9.64 -10.84 3.52
CA ILE B 85 8.20 -10.87 3.28
C ILE B 85 7.41 -10.48 4.54
N ASP B 86 7.90 -10.89 5.71
CA ASP B 86 7.21 -10.59 6.97
C ASP B 86 7.24 -9.09 7.22
N ASN B 87 8.34 -8.44 6.86
CA ASN B 87 8.47 -7.00 7.03
C ASN B 87 7.57 -6.30 6.04
N SER B 88 7.36 -6.92 4.89
CA SER B 88 6.41 -6.42 3.91
C SER B 88 4.98 -6.51 4.47
N GLN B 89 4.68 -7.63 5.11
CA GLN B 89 3.37 -7.82 5.76
C GLN B 89 3.12 -6.79 6.85
N SER B 90 4.17 -6.45 7.59
CA SER B 90 4.09 -5.43 8.63
C SER B 90 3.65 -4.08 8.07
N LEU B 91 4.20 -3.73 6.93
CA LEU B 91 3.90 -2.47 6.27
C LEU B 91 2.43 -2.40 5.86
N GLN B 92 1.91 -3.52 5.35
CA GLN B 92 0.50 -3.64 5.05
C GLN B 92 -0.28 -3.62 6.36
N ALA B 93 0.28 -4.26 7.38
CA ALA B 93 -0.32 -4.30 8.71
C ALA B 93 -0.35 -2.92 9.34
N THR B 94 0.55 -2.04 8.91
CA THR B 94 0.56 -0.67 9.40
C THR B 94 -0.73 0.03 8.97
N THR B 95 -1.25 -0.39 7.81
CA THR B 95 -2.55 0.09 7.34
C THR B 95 -3.66 -0.48 8.21
N LEU B 96 -3.40 -1.67 8.76
CA LEU B 96 -4.39 -2.41 9.55
C LEU B 96 -4.66 -1.81 10.92
N ILE B 97 -3.69 -1.05 11.44
CA ILE B 97 -3.77 -0.58 12.81
C ILE B 97 -5.00 0.30 13.07
N GLY B 98 -5.34 1.19 12.15
CA GLY B 98 -6.45 2.08 12.41
C GLY B 98 -7.79 1.37 12.50
N HIS B 99 -7.88 0.19 11.91
CA HIS B 99 -9.15 -0.51 11.78
C HIS B 99 -9.49 -1.50 12.90
N GLY B 100 -8.94 -2.71 12.82
CA GLY B 100 -9.24 -3.71 13.83
C GLY B 100 -9.64 -5.05 13.24
N VAL B 101 -9.56 -6.11 14.04
CA VAL B 101 -9.84 -7.46 13.56
C VAL B 101 -10.82 -8.21 14.45
N MET B 102 -11.30 -9.35 13.95
CA MET B 102 -12.20 -10.21 14.69
C MET B 102 -11.48 -11.48 15.13
N VAL B 103 -11.44 -11.69 16.44
CA VAL B 103 -10.71 -12.81 17.03
C VAL B 103 -11.60 -13.51 18.05
N PRO B 104 -11.31 -14.79 18.36
CA PRO B 104 -12.10 -15.54 19.34
C PRO B 104 -12.28 -14.78 20.64
N GLY B 105 -13.51 -14.71 21.14
CA GLY B 105 -13.81 -13.97 22.34
C GLY B 105 -15.29 -13.66 22.48
N THR B 106 -15.66 -13.04 23.60
CA THR B 106 -17.06 -12.75 23.88
C THR B 106 -17.30 -11.30 24.28
N THR B 107 -16.23 -10.52 24.39
CA THR B 107 -16.33 -9.17 24.92
C THR B 107 -17.01 -8.19 23.94
N ILE B 108 -17.92 -7.39 24.49
CA ILE B 108 -18.58 -6.32 23.74
C ILE B 108 -18.60 -5.04 24.59
N LEU B 109 -18.08 -3.94 24.06
CA LEU B 109 -18.05 -2.68 24.79
C LEU B 109 -19.20 -1.74 24.40
N ALA B 110 -19.40 -0.70 25.20
CA ALA B 110 -20.45 0.28 24.93
C ALA B 110 -20.06 1.66 25.47
N GLY B 111 -20.30 2.70 24.68
CA GLY B 111 -19.91 4.05 25.07
C GLY B 111 -20.61 5.18 24.32
N LYS B 112 -20.36 6.40 24.78
CA LYS B 112 -20.90 7.60 24.15
C LYS B 112 -19.81 8.65 23.95
N VAL B 119 -25.52 9.12 20.74
CA VAL B 119 -26.07 7.77 20.76
C VAL B 119 -24.98 6.75 21.10
N THR B 120 -25.29 5.84 22.02
CA THR B 120 -24.35 4.80 22.44
C THR B 120 -24.09 3.81 21.30
N SER B 121 -22.84 3.40 21.15
CA SER B 121 -22.48 2.41 20.14
C SER B 121 -21.73 1.25 20.79
N THR B 122 -21.63 0.14 20.07
CA THR B 122 -21.02 -1.09 20.60
C THR B 122 -19.99 -1.68 19.65
N THR B 123 -18.89 -2.15 20.21
CA THR B 123 -17.90 -2.89 19.45
C THR B 123 -18.54 -4.16 18.90
N PRO B 124 -18.43 -4.36 17.58
CA PRO B 124 -19.12 -5.46 16.89
C PRO B 124 -18.68 -6.84 17.37
N PHE B 125 -19.54 -7.84 17.18
CA PHE B 125 -19.23 -9.20 17.58
C PHE B 125 -19.46 -10.13 16.40
N GLY B 126 -19.18 -11.41 16.58
CA GLY B 126 -19.33 -12.36 15.50
C GLY B 126 -19.34 -13.81 15.94
N VAL B 127 -19.34 -14.71 14.96
CA VAL B 127 -19.44 -16.14 15.25
C VAL B 127 -18.89 -16.94 14.07
N GLU B 128 -18.26 -18.06 14.35
CA GLU B 128 -17.76 -18.93 13.29
C GLU B 128 -18.48 -20.27 13.35
N LEU B 129 -18.82 -20.80 12.19
CA LEU B 129 -19.55 -22.07 12.11
C LEU B 129 -18.87 -23.02 11.15
N GLN B 130 -18.84 -24.30 11.51
CA GLN B 130 -18.29 -25.34 10.64
C GLN B 130 -19.39 -25.83 9.70
N GLN B 131 -20.63 -25.86 10.21
CA GLN B 131 -21.79 -26.21 9.41
C GLN B 131 -22.86 -25.12 9.50
N PRO B 132 -23.74 -25.04 8.50
CA PRO B 132 -24.86 -24.09 8.55
C PRO B 132 -25.91 -24.52 9.58
N ALA B 133 -26.79 -23.61 9.96
CA ALA B 133 -27.78 -23.89 11.00
C ALA B 133 -29.15 -23.34 10.64
N ASP B 134 -30.17 -23.83 11.33
CA ASP B 134 -31.54 -23.33 11.16
C ASP B 134 -31.93 -22.49 12.38
N LYS B 135 -31.15 -22.62 13.46
CA LYS B 135 -31.38 -21.89 14.70
C LYS B 135 -30.13 -21.20 15.26
N VAL B 136 -30.14 -19.87 15.34
CA VAL B 136 -29.01 -19.11 15.88
C VAL B 136 -29.43 -17.97 16.83
N THR B 137 -29.12 -18.10 18.12
CA THR B 137 -29.42 -17.06 19.11
C THR B 137 -28.18 -16.55 19.86
N ALA B 138 -28.21 -15.27 20.25
CA ALA B 138 -27.07 -14.67 20.94
C ALA B 138 -27.51 -13.97 22.24
N THR B 139 -27.04 -14.49 23.37
CA THR B 139 -27.41 -13.94 24.68
C THR B 139 -26.35 -12.99 25.23
N ILE B 140 -26.78 -11.77 25.54
CA ILE B 140 -25.88 -10.75 26.05
C ILE B 140 -26.01 -10.52 27.55
N THR B 141 -24.90 -10.71 28.26
CA THR B 141 -24.86 -10.52 29.71
C THR B 141 -23.99 -9.32 30.11
N ASP B 142 -24.28 -8.74 31.27
CA ASP B 142 -23.48 -7.64 31.80
C ASP B 142 -22.36 -8.16 32.71
N LYS B 143 -21.61 -7.25 33.33
CA LYS B 143 -20.52 -7.61 34.23
C LYS B 143 -20.98 -8.49 35.39
N ASP B 144 -22.20 -8.27 35.87
CA ASP B 144 -22.72 -9.01 37.01
C ASP B 144 -23.18 -10.41 36.63
N GLY B 145 -23.28 -10.68 35.33
CA GLY B 145 -23.67 -12.00 34.86
C GLY B 145 -25.12 -12.04 34.45
N ARG B 146 -25.84 -10.97 34.79
CA ARG B 146 -27.25 -10.84 34.45
C ARG B 146 -27.45 -10.64 32.94
N VAL B 147 -28.48 -11.27 32.39
CA VAL B 147 -28.79 -11.15 30.97
C VAL B 147 -29.52 -9.85 30.69
N VAL B 148 -28.97 -9.04 29.78
CA VAL B 148 -29.56 -7.75 29.45
C VAL B 148 -30.32 -7.80 28.13
N ARG B 149 -29.94 -8.71 27.25
CA ARG B 149 -30.58 -8.79 25.94
C ARG B 149 -30.34 -10.15 25.26
N THR B 150 -31.38 -10.67 24.64
CA THR B 150 -31.28 -11.87 23.82
C THR B 150 -31.60 -11.47 22.38
N LEU B 151 -30.90 -12.07 21.43
CA LEU B 151 -31.08 -11.70 20.04
C LEU B 151 -31.33 -12.88 19.11
N GLU B 152 -32.39 -12.77 18.33
CA GLU B 152 -32.65 -13.70 17.24
C GLU B 152 -32.10 -13.00 16.01
N ILE B 153 -31.06 -13.56 15.41
CA ILE B 153 -30.35 -12.86 14.36
C ILE B 153 -30.84 -13.28 12.98
N GLY B 154 -30.92 -14.59 12.79
CA GLY B 154 -31.44 -15.16 11.58
C GLY B 154 -30.65 -16.43 11.36
N GLU B 155 -30.61 -16.88 10.11
CA GLU B 155 -29.74 -17.99 9.79
C GLU B 155 -28.44 -17.61 9.10
N LEU B 156 -27.49 -18.53 9.18
CA LEU B 156 -26.16 -18.31 8.65
C LEU B 156 -25.64 -19.59 8.02
N ARG B 157 -24.98 -19.45 6.88
CA ARG B 157 -24.32 -20.58 6.24
C ARG B 157 -22.97 -20.73 6.96
N ALA B 158 -22.29 -21.84 6.73
CA ALA B 158 -21.01 -22.09 7.41
C ALA B 158 -20.00 -21.00 7.07
N GLY B 159 -19.04 -20.80 7.98
CA GLY B 159 -18.06 -19.74 7.83
C GLY B 159 -18.17 -18.69 8.92
N VAL B 160 -17.69 -17.49 8.61
CA VAL B 160 -17.61 -16.41 9.58
C VAL B 160 -18.63 -15.31 9.31
N HIS B 161 -19.31 -14.85 10.35
CA HIS B 161 -20.32 -13.81 10.24
C HIS B 161 -20.15 -12.77 11.35
N THR B 162 -20.34 -11.50 11.01
CA THR B 162 -20.11 -10.42 11.97
C THR B 162 -21.35 -9.54 12.12
N PHE B 163 -21.62 -9.12 13.34
CA PHE B 163 -22.83 -8.35 13.64
C PHE B 163 -22.55 -7.21 14.60
N THR B 164 -23.53 -6.32 14.76
CA THR B 164 -23.40 -5.19 15.67
C THR B 164 -24.65 -5.04 16.52
N TRP B 165 -24.48 -5.09 17.82
CA TRP B 165 -25.58 -4.95 18.77
C TRP B 165 -26.00 -3.49 18.87
N ASP B 166 -27.31 -3.24 18.90
CA ASP B 166 -27.83 -1.87 18.93
C ASP B 166 -27.50 -1.16 20.24
N GLY B 167 -27.01 -1.93 21.22
CA GLY B 167 -26.60 -1.39 22.51
C GLY B 167 -27.80 -1.09 23.38
N LYS B 168 -28.93 -1.67 23.02
CA LYS B 168 -30.15 -1.49 23.80
C LYS B 168 -30.68 -2.83 24.29
N GLN B 169 -31.13 -2.85 25.54
CA GLN B 169 -31.65 -4.06 26.15
C GLN B 169 -33.09 -4.32 25.70
N THR B 170 -33.65 -5.43 26.19
CA THR B 170 -34.98 -5.89 25.77
C THR B 170 -36.10 -4.86 25.91
N ASP B 171 -36.08 -4.06 26.97
CA ASP B 171 -37.13 -3.07 27.19
C ASP B 171 -37.03 -1.91 26.18
N GLY B 172 -35.91 -1.85 25.47
CA GLY B 172 -35.70 -0.85 24.45
C GLY B 172 -34.82 0.30 24.93
N THR B 173 -34.41 0.26 26.18
CA THR B 173 -33.56 1.31 26.72
C THR B 173 -32.09 1.00 26.47
N THR B 174 -31.26 2.05 26.45
CA THR B 174 -29.83 1.89 26.22
C THR B 174 -29.10 1.44 27.47
N VAL B 175 -28.19 0.47 27.32
CA VAL B 175 -27.40 -0.01 28.45
C VAL B 175 -26.28 1.00 28.77
N PRO B 176 -25.88 1.08 30.04
CA PRO B 176 -24.81 1.99 30.46
C PRO B 176 -23.47 1.64 29.83
N ASN B 177 -22.58 2.64 29.78
CA ASN B 177 -21.24 2.43 29.25
C ASN B 177 -20.47 1.43 30.11
N GLY B 178 -19.95 0.40 29.46
CA GLY B 178 -19.21 -0.63 30.17
C GLY B 178 -18.91 -1.82 29.27
N SER B 179 -18.59 -2.94 29.89
CA SER B 179 -18.24 -4.15 29.16
C SER B 179 -19.32 -5.22 29.30
N TYR B 180 -19.61 -5.90 28.20
CA TYR B 180 -20.63 -6.94 28.19
C TYR B 180 -20.10 -8.18 27.48
N ASN B 181 -20.77 -9.31 27.66
CA ASN B 181 -20.30 -10.56 27.08
C ASN B 181 -21.39 -11.24 26.26
N ILE B 182 -20.97 -11.94 25.21
CA ILE B 182 -21.90 -12.59 24.31
C ILE B 182 -21.87 -14.11 24.51
N ALA B 183 -23.02 -14.74 24.34
CA ALA B 183 -23.12 -16.20 24.35
C ALA B 183 -23.95 -16.62 23.16
N ILE B 184 -23.40 -17.51 22.33
CA ILE B 184 -24.05 -17.85 21.07
C ILE B 184 -24.38 -19.34 20.97
N THR B 185 -25.66 -19.63 20.78
CA THR B 185 -26.13 -21.01 20.62
C THR B 185 -26.58 -21.24 19.18
N ALA B 186 -26.11 -22.33 18.58
CA ALA B 186 -26.44 -22.62 17.19
C ALA B 186 -26.78 -24.09 17.01
N SER B 187 -27.90 -24.35 16.33
CA SER B 187 -28.34 -25.73 16.11
C SER B 187 -28.98 -25.90 14.73
N ASN B 188 -28.92 -27.12 14.21
CA ASN B 188 -29.58 -27.47 12.95
C ASN B 188 -30.53 -28.65 13.09
N GLY B 189 -31.83 -28.37 13.08
CA GLY B 189 -32.84 -29.38 13.27
C GLY B 189 -32.78 -29.96 14.67
N GLY B 190 -32.68 -29.07 15.66
CA GLY B 190 -32.62 -29.50 17.05
C GLY B 190 -31.32 -30.19 17.40
N THR B 191 -30.36 -30.14 16.47
CA THR B 191 -29.03 -30.68 16.73
C THR B 191 -28.03 -29.55 16.90
N GLN B 192 -27.42 -29.48 18.08
CA GLN B 192 -26.58 -28.34 18.46
C GLN B 192 -25.26 -28.37 17.68
N LEU B 193 -24.77 -27.18 17.32
CA LEU B 193 -23.53 -27.08 16.55
C LEU B 193 -22.44 -26.36 17.34
N VAL B 194 -21.19 -26.66 17.03
CA VAL B 194 -20.05 -25.96 17.61
C VAL B 194 -19.98 -24.54 17.06
N ALA B 195 -20.13 -23.56 17.94
CA ALA B 195 -20.13 -22.15 17.55
C ALA B 195 -19.07 -21.36 18.29
N GLN B 196 -18.11 -20.81 17.55
CA GLN B 196 -17.05 -20.01 18.14
C GLN B 196 -17.37 -18.53 18.09
N PRO B 197 -17.52 -17.90 19.27
CA PRO B 197 -17.82 -16.48 19.35
C PRO B 197 -16.61 -15.63 19.00
N LEU B 198 -16.85 -14.44 18.45
CA LEU B 198 -15.79 -13.58 18.00
C LEU B 198 -15.95 -12.18 18.58
N GLN B 199 -14.83 -11.55 18.90
CA GLN B 199 -14.84 -10.24 19.54
C GLN B 199 -13.97 -9.24 18.78
N PHE B 200 -14.37 -7.97 18.83
CA PHE B 200 -13.64 -6.89 18.16
C PHE B 200 -12.40 -6.47 18.95
N ALA B 201 -11.32 -6.22 18.23
CA ALA B 201 -10.08 -5.77 18.84
C ALA B 201 -9.33 -4.82 17.92
N LEU B 202 -9.06 -3.62 18.40
CA LEU B 202 -8.36 -2.59 17.64
C LEU B 202 -6.84 -2.82 17.65
N VAL B 203 -6.25 -2.82 16.46
CA VAL B 203 -4.81 -3.01 16.35
C VAL B 203 -4.09 -1.69 16.64
N GLN B 204 -3.02 -1.75 17.42
CA GLN B 204 -2.29 -0.54 17.78
C GLN B 204 -0.83 -0.64 17.34
N GLY B 205 -0.43 -1.83 16.94
CA GLY B 205 0.93 -2.05 16.49
C GLY B 205 1.20 -3.45 16.00
N VAL B 206 2.42 -3.67 15.52
CA VAL B 206 2.83 -4.96 14.99
C VAL B 206 4.11 -5.47 15.66
N THR B 207 4.09 -6.71 16.17
CA THR B 207 5.21 -7.22 16.96
C THR B 207 5.96 -8.37 16.29
N LYS B 208 7.17 -8.63 16.76
CA LYS B 208 8.01 -9.68 16.20
C LYS B 208 8.13 -10.91 17.11
N GLY B 209 7.71 -12.07 16.59
CA GLY B 209 7.80 -13.31 17.33
C GLY B 209 9.08 -14.06 17.00
N SER B 210 9.15 -15.32 17.41
CA SER B 210 10.32 -16.15 17.16
C SER B 210 10.15 -17.01 15.91
N ASN B 211 8.89 -17.33 15.59
CA ASN B 211 8.59 -18.13 14.41
C ASN B 211 8.00 -17.27 13.30
N GLY B 212 7.40 -16.14 13.67
CA GLY B 212 6.88 -15.22 12.70
C GLY B 212 6.24 -13.98 13.29
N ASN B 213 5.91 -13.04 12.41
CA ASN B 213 5.29 -11.78 12.78
C ASN B 213 3.99 -11.93 13.56
N LEU B 214 3.80 -11.07 14.56
CA LEU B 214 2.58 -11.08 15.38
C LEU B 214 1.88 -9.72 15.37
N LEU B 215 0.60 -9.70 15.75
CA LEU B 215 -0.17 -8.45 15.82
C LEU B 215 -0.39 -8.01 17.27
N ASP B 216 -0.38 -6.69 17.49
CA ASP B 216 -0.60 -6.15 18.83
C ASP B 216 -1.98 -5.52 18.96
N LEU B 217 -2.82 -6.11 19.80
CA LEU B 217 -4.20 -5.66 19.99
C LEU B 217 -4.38 -4.84 21.26
N GLY B 218 -3.27 -4.43 21.86
CA GLY B 218 -3.31 -3.61 23.06
C GLY B 218 -3.76 -4.38 24.28
N THR B 219 -4.87 -3.95 24.88
CA THR B 219 -5.45 -4.60 26.06
C THR B 219 -5.57 -6.11 25.91
N TYR B 220 -6.08 -6.54 24.77
CA TYR B 220 -6.30 -7.96 24.48
C TYR B 220 -5.01 -8.75 24.27
N GLY B 221 -3.90 -8.04 24.02
CA GLY B 221 -2.62 -8.68 23.84
C GLY B 221 -2.22 -8.89 22.39
N THR B 222 -1.68 -10.08 22.10
CA THR B 222 -1.16 -10.38 20.76
C THR B 222 -1.87 -11.57 20.11
N THR B 223 -1.79 -11.63 18.79
CA THR B 223 -2.43 -12.69 18.04
C THR B 223 -1.68 -12.99 16.75
N THR B 224 -1.75 -14.23 16.29
CA THR B 224 -1.18 -14.61 15.00
C THR B 224 -2.11 -14.15 13.89
N LEU B 225 -1.67 -14.31 12.65
CA LEU B 225 -2.48 -13.87 11.52
C LEU B 225 -3.49 -14.94 11.09
N ASP B 226 -3.11 -16.21 11.23
CA ASP B 226 -3.98 -17.31 10.80
C ASP B 226 -5.19 -17.49 11.72
N GLU B 227 -5.09 -17.01 12.95
CA GLU B 227 -6.22 -17.09 13.87
C GLU B 227 -7.10 -15.85 13.83
N VAL B 228 -6.76 -14.91 12.94
CA VAL B 228 -7.61 -13.76 12.70
C VAL B 228 -8.71 -14.23 11.76
N ARG B 229 -9.95 -14.09 12.21
CA ARG B 229 -11.09 -14.65 11.49
C ARG B 229 -11.60 -13.66 10.44
N GLN B 230 -11.58 -12.39 10.77
CA GLN B 230 -12.00 -11.35 9.83
C GLN B 230 -11.29 -10.04 10.12
N ILE B 231 -11.02 -9.28 9.06
CA ILE B 231 -10.39 -7.98 9.18
C ILE B 231 -11.41 -6.91 8.82
N ILE B 232 -11.50 -5.87 9.63
CA ILE B 232 -12.47 -4.81 9.41
C ILE B 232 -11.67 -3.52 9.17
N ALA C 63 23.30 -30.88 -28.96
CA ALA C 63 22.14 -30.25 -28.35
C ALA C 63 22.45 -29.80 -26.93
N GLN C 64 23.32 -30.54 -26.25
CA GLN C 64 23.69 -30.26 -24.87
C GLN C 64 24.28 -28.86 -24.68
N ILE C 65 25.28 -28.53 -25.48
CA ILE C 65 26.01 -27.26 -25.35
C ILE C 65 25.09 -26.05 -25.51
N SER C 66 24.05 -26.20 -26.33
CA SER C 66 23.03 -25.16 -26.46
C SER C 66 22.30 -24.98 -25.13
N THR C 67 21.79 -26.08 -24.60
CA THR C 67 21.10 -26.08 -23.31
C THR C 67 21.94 -25.53 -22.17
N VAL C 68 23.25 -25.80 -22.19
CA VAL C 68 24.16 -25.28 -21.18
C VAL C 68 24.21 -23.74 -21.21
N SER C 69 24.28 -23.17 -22.40
CA SER C 69 24.28 -21.72 -22.56
C SER C 69 22.95 -21.14 -22.10
N GLY C 70 21.86 -21.85 -22.41
CA GLY C 70 20.52 -21.45 -22.02
C GLY C 70 20.34 -21.35 -20.52
N ILE C 71 20.87 -22.35 -19.80
CA ILE C 71 20.80 -22.40 -18.34
C ILE C 71 21.54 -21.22 -17.71
N GLU C 72 22.69 -20.88 -18.27
CA GLU C 72 23.49 -19.75 -17.79
C GLU C 72 22.73 -18.45 -18.00
N LYS C 73 21.94 -18.41 -19.08
CA LYS C 73 21.07 -17.27 -19.36
C LYS C 73 19.90 -17.24 -18.37
N LEU C 74 19.36 -18.42 -18.06
CA LEU C 74 18.28 -18.57 -17.08
C LEU C 74 18.70 -18.16 -15.67
N ASN C 75 19.93 -18.53 -15.30
CA ASN C 75 20.49 -18.21 -14.00
C ASN C 75 20.65 -16.69 -13.85
N THR C 76 21.11 -16.05 -14.93
CA THR C 76 21.29 -14.59 -14.94
C THR C 76 19.94 -13.87 -14.82
N THR C 77 18.91 -14.40 -15.49
CA THR C 77 17.58 -13.81 -15.44
C THR C 77 16.95 -13.98 -14.06
N LEU C 78 17.16 -15.16 -13.47
CA LEU C 78 16.64 -15.44 -12.13
C LEU C 78 17.32 -14.58 -11.09
N GLY C 79 18.58 -14.23 -11.37
CA GLY C 79 19.33 -13.30 -10.54
C GLY C 79 18.74 -11.91 -10.58
N ALA C 80 18.31 -11.49 -11.77
CA ALA C 80 17.67 -10.19 -11.97
C ALA C 80 16.35 -10.08 -11.22
N ILE C 81 15.60 -11.18 -11.17
CA ILE C 81 14.35 -11.22 -10.44
C ILE C 81 14.56 -11.01 -8.94
N SER C 82 15.54 -11.70 -8.39
CA SER C 82 15.90 -11.57 -6.98
C SER C 82 16.29 -10.15 -6.63
N GLY C 83 17.04 -9.51 -7.53
CA GLY C 83 17.44 -8.13 -7.37
C GLY C 83 16.29 -7.13 -7.41
N GLN C 84 15.33 -7.33 -8.31
CA GLN C 84 14.18 -6.45 -8.43
C GLN C 84 13.29 -6.47 -7.18
N ILE C 85 13.09 -7.64 -6.62
CA ILE C 85 12.23 -7.82 -5.46
C ILE C 85 12.70 -6.99 -4.28
N ASP C 86 14.02 -6.84 -4.14
CA ASP C 86 14.56 -6.11 -3.00
C ASP C 86 14.20 -4.63 -2.98
N ASN C 87 14.19 -3.99 -4.15
CA ASN C 87 13.88 -2.57 -4.23
C ASN C 87 12.38 -2.24 -4.10
N SER C 88 11.52 -3.16 -4.54
CA SER C 88 10.08 -3.00 -4.35
C SER C 88 9.73 -3.01 -2.87
N GLN C 89 10.41 -3.88 -2.13
CA GLN C 89 10.26 -3.97 -0.69
C GLN C 89 10.58 -2.62 -0.06
N SER C 90 11.56 -1.92 -0.64
CA SER C 90 11.93 -0.57 -0.24
C SER C 90 10.75 0.40 -0.42
N LEU C 91 10.04 0.25 -1.53
CA LEU C 91 8.88 1.09 -1.83
C LEU C 91 7.79 0.92 -0.78
N GLN C 92 7.60 -0.30 -0.31
CA GLN C 92 6.61 -0.58 0.71
C GLN C 92 6.94 0.16 1.99
N ALA C 93 8.24 0.26 2.27
CA ALA C 93 8.76 0.93 3.47
C ALA C 93 8.44 2.43 3.54
N THR C 94 8.16 3.02 2.39
CA THR C 94 7.83 4.44 2.31
C THR C 94 6.63 4.88 3.15
N THR C 95 5.73 3.94 3.44
CA THR C 95 4.59 4.21 4.30
C THR C 95 5.00 4.56 5.72
N LEU C 96 6.18 4.10 6.12
CA LEU C 96 6.69 4.24 7.49
C LEU C 96 7.08 5.65 7.94
N ILE C 97 7.34 6.55 6.98
CA ILE C 97 7.85 7.88 7.33
C ILE C 97 6.95 8.66 8.30
N GLY C 98 5.65 8.67 8.05
CA GLY C 98 4.75 9.43 8.90
C GLY C 98 4.61 8.91 10.32
N HIS C 99 4.90 7.63 10.52
CA HIS C 99 4.71 7.00 11.83
C HIS C 99 5.97 6.99 12.67
N GLY C 100 6.16 5.94 13.45
CA GLY C 100 7.33 5.81 14.31
C GLY C 100 7.55 4.38 14.79
N VAL C 101 8.79 4.07 15.19
CA VAL C 101 9.15 2.70 15.55
C VAL C 101 9.94 2.54 16.85
N MET C 102 10.10 1.28 17.27
CA MET C 102 10.90 0.90 18.44
C MET C 102 12.18 0.19 18.00
N VAL C 103 13.34 0.74 18.35
CA VAL C 103 14.61 0.19 17.89
C VAL C 103 15.56 0.01 19.07
N PRO C 104 16.57 -0.87 18.92
CA PRO C 104 17.58 -1.05 19.98
C PRO C 104 18.22 0.27 20.40
N GLY C 105 18.26 0.49 21.71
CA GLY C 105 18.78 1.74 22.24
C GLY C 105 18.31 1.93 23.67
N THR C 106 18.77 2.98 24.31
CA THR C 106 18.42 3.23 25.70
C THR C 106 17.94 4.67 25.88
N THR C 107 17.98 5.44 24.81
CA THR C 107 17.66 6.86 24.88
C THR C 107 16.17 7.08 25.13
N ILE C 108 15.88 7.97 26.06
CA ILE C 108 14.50 8.39 26.33
C ILE C 108 14.45 9.91 26.45
N LEU C 109 13.57 10.55 25.67
CA LEU C 109 13.48 12.00 25.72
C LEU C 109 12.33 12.44 26.61
N ALA C 110 12.34 13.72 26.99
CA ALA C 110 11.31 14.29 27.84
C ALA C 110 11.15 15.78 27.54
N GLY C 111 9.92 16.28 27.49
CA GLY C 111 9.72 17.68 27.17
C GLY C 111 8.39 18.29 27.56
N LYS C 112 8.31 19.61 27.44
CA LYS C 112 7.10 20.36 27.75
C LYS C 112 6.82 21.37 26.64
N GLY C 113 5.53 21.55 26.35
CA GLY C 113 5.12 22.52 25.36
C GLY C 113 5.13 23.93 25.91
N ALA C 114 5.06 24.91 25.02
CA ALA C 114 4.99 26.32 25.41
C ALA C 114 3.61 26.63 25.97
N GLU C 115 2.65 25.75 25.68
CA GLU C 115 1.27 25.90 26.10
C GLU C 115 1.09 25.89 27.62
N GLU C 116 -0.09 26.28 28.06
CA GLU C 116 -0.48 26.17 29.46
C GLU C 116 -1.35 24.94 29.62
N GLY C 117 -1.17 24.24 30.75
CA GLY C 117 -1.78 22.93 30.91
C GLY C 117 -0.91 21.91 30.18
N ALA C 118 0.29 22.35 29.79
CA ALA C 118 1.22 21.50 29.06
C ALA C 118 1.65 20.31 29.88
N VAL C 119 1.57 19.12 29.28
CA VAL C 119 1.92 17.88 29.96
C VAL C 119 3.29 17.37 29.52
N THR C 120 4.13 17.00 30.47
CA THR C 120 5.43 16.43 30.15
C THR C 120 5.19 15.08 29.51
N SER C 121 5.95 14.75 28.47
CA SER C 121 5.79 13.45 27.84
C SER C 121 7.12 12.72 27.74
N THR C 122 7.04 11.41 27.52
CA THR C 122 8.21 10.55 27.49
C THR C 122 8.18 9.64 26.27
N THR C 123 9.30 9.55 25.57
CA THR C 123 9.43 8.56 24.50
C THR C 123 9.40 7.17 25.10
N PRO C 124 8.44 6.33 24.67
CA PRO C 124 8.27 5.01 25.25
C PRO C 124 9.48 4.08 25.02
N PHE C 125 9.65 3.09 25.88
CA PHE C 125 10.76 2.14 25.77
C PHE C 125 10.27 0.70 25.84
N GLY C 126 11.20 -0.25 25.72
CA GLY C 126 10.85 -1.65 25.75
C GLY C 126 12.00 -2.61 25.98
N VAL C 127 11.70 -3.90 25.92
CA VAL C 127 12.68 -4.95 26.20
C VAL C 127 12.24 -6.28 25.57
N GLU C 128 13.22 -7.05 25.09
CA GLU C 128 12.95 -8.37 24.51
C GLU C 128 13.63 -9.49 25.29
N LEU C 129 12.95 -10.62 25.43
CA LEU C 129 13.49 -11.75 26.18
C LEU C 129 13.41 -13.07 25.40
N GLN C 130 14.45 -13.88 25.54
CA GLN C 130 14.51 -15.21 24.94
C GLN C 130 13.88 -16.24 25.86
N GLN C 131 13.97 -16.00 27.16
CA GLN C 131 13.36 -16.88 28.14
C GLN C 131 12.40 -16.08 29.00
N PRO C 132 11.41 -16.76 29.62
CA PRO C 132 10.52 -16.02 30.51
C PRO C 132 11.21 -15.63 31.82
N ALA C 133 10.67 -14.65 32.51
CA ALA C 133 11.28 -14.18 33.76
C ALA C 133 10.21 -13.92 34.80
N ASP C 134 10.61 -13.96 36.07
CA ASP C 134 9.69 -13.69 37.16
C ASP C 134 9.97 -12.35 37.83
N LYS C 135 11.16 -11.81 37.64
CA LYS C 135 11.53 -10.52 38.21
C LYS C 135 12.19 -9.63 37.15
N VAL C 136 11.57 -8.49 36.88
CA VAL C 136 12.10 -7.55 35.88
C VAL C 136 12.12 -6.13 36.44
N THR C 137 13.32 -5.59 36.57
CA THR C 137 13.49 -4.23 37.07
C THR C 137 14.13 -3.36 36.00
N ALA C 138 13.76 -2.09 35.98
CA ALA C 138 14.27 -1.18 34.97
C ALA C 138 14.84 0.07 35.62
N THR C 139 16.14 0.26 35.47
CA THR C 139 16.83 1.39 36.07
C THR C 139 17.01 2.50 35.06
N ILE C 140 16.50 3.68 35.37
CA ILE C 140 16.64 4.81 34.47
C ILE C 140 17.74 5.72 35.00
N THR C 141 18.77 5.92 34.20
CA THR C 141 19.88 6.77 34.59
C THR C 141 19.89 8.04 33.76
N ASP C 142 20.47 9.10 34.31
CA ASP C 142 20.58 10.35 33.59
C ASP C 142 21.89 10.38 32.81
N LYS C 143 22.16 11.48 32.12
CA LYS C 143 23.40 11.66 31.36
C LYS C 143 24.65 11.56 32.24
N ASP C 144 24.53 12.01 33.47
CA ASP C 144 25.66 12.02 34.40
C ASP C 144 25.88 10.64 35.01
N GLY C 145 24.91 9.75 34.83
CA GLY C 145 25.01 8.41 35.36
C GLY C 145 24.17 8.28 36.62
N ARG C 146 23.69 9.41 37.12
CA ARG C 146 22.86 9.45 38.31
C ARG C 146 21.51 8.78 38.07
N VAL C 147 21.06 8.00 39.05
CA VAL C 147 19.78 7.33 38.95
C VAL C 147 18.63 8.28 39.30
N VAL C 148 17.70 8.43 38.36
CA VAL C 148 16.57 9.34 38.51
C VAL C 148 15.30 8.57 38.85
N ARG C 149 15.25 7.30 38.45
CA ARG C 149 14.07 6.48 38.71
C ARG C 149 14.38 5.00 38.54
N THR C 150 13.82 4.19 39.43
CA THR C 150 13.89 2.74 39.34
C THR C 150 12.48 2.21 39.11
N LEU C 151 12.34 1.19 38.27
CA LEU C 151 11.02 0.69 37.91
C LEU C 151 10.88 -0.81 38.09
N GLU C 152 9.85 -1.22 38.82
CA GLU C 152 9.48 -2.62 38.92
C GLU C 152 8.34 -2.86 37.93
N ILE C 153 8.60 -3.70 36.95
CA ILE C 153 7.65 -3.85 35.86
C ILE C 153 6.70 -5.01 36.09
N GLY C 154 7.23 -6.17 36.46
CA GLY C 154 6.38 -7.31 36.77
C GLY C 154 7.01 -8.60 36.33
N GLU C 155 6.17 -9.59 36.06
CA GLU C 155 6.63 -10.83 35.45
C GLU C 155 6.42 -10.68 33.97
N LEU C 156 7.19 -11.40 33.16
CA LEU C 156 7.06 -11.31 31.71
C LEU C 156 7.34 -12.65 31.07
N ARG C 157 6.52 -13.01 30.08
CA ARG C 157 6.79 -14.20 29.30
C ARG C 157 7.81 -13.80 28.24
N ALA C 158 8.43 -14.78 27.58
CA ALA C 158 9.43 -14.49 26.57
C ALA C 158 8.81 -13.64 25.45
N GLY C 159 9.65 -12.89 24.74
CA GLY C 159 9.19 -12.01 23.68
C GLY C 159 9.43 -10.53 23.90
N VAL C 160 8.64 -9.70 23.23
CA VAL C 160 8.84 -8.24 23.25
C VAL C 160 7.74 -7.53 24.04
N HIS C 161 8.16 -6.58 24.88
CA HIS C 161 7.24 -5.80 25.69
C HIS C 161 7.63 -4.34 25.68
N THR C 162 6.65 -3.45 25.61
CA THR C 162 6.91 -2.01 25.51
C THR C 162 6.19 -1.24 26.63
N PHE C 163 6.85 -0.22 27.15
CA PHE C 163 6.32 0.54 28.30
C PHE C 163 6.51 2.04 28.14
N THR C 164 5.86 2.82 29.01
CA THR C 164 5.99 4.28 28.98
C THR C 164 6.19 4.89 30.37
N TRP C 165 7.30 5.59 30.55
CA TRP C 165 7.64 6.22 31.83
C TRP C 165 6.78 7.46 32.03
N ASP C 166 6.27 7.64 33.25
CA ASP C 166 5.38 8.75 33.56
C ASP C 166 6.07 10.12 33.53
N GLY C 167 7.40 10.11 33.42
CA GLY C 167 8.16 11.35 33.36
C GLY C 167 8.39 11.97 34.72
N LYS C 168 8.27 11.15 35.76
CA LYS C 168 8.51 11.62 37.13
C LYS C 168 9.64 10.82 37.76
N GLN C 169 10.53 11.51 38.45
CA GLN C 169 11.66 10.89 39.14
C GLN C 169 11.27 10.33 40.51
N THR C 170 12.24 9.73 41.20
CA THR C 170 12.00 9.05 42.47
C THR C 170 11.31 9.92 43.52
N ASP C 171 11.70 11.19 43.61
CA ASP C 171 11.11 12.08 44.61
C ASP C 171 9.66 12.45 44.27
N GLY C 172 9.24 12.13 43.06
CA GLY C 172 7.87 12.37 42.64
C GLY C 172 7.69 13.62 41.80
N THR C 173 8.79 14.34 41.59
CA THR C 173 8.74 15.55 40.77
C THR C 173 8.92 15.21 39.31
N THR C 174 8.46 16.10 38.45
CA THR C 174 8.61 15.91 37.01
C THR C 174 10.03 16.27 36.59
N VAL C 175 10.63 15.44 35.75
CA VAL C 175 11.99 15.69 35.29
C VAL C 175 12.07 16.80 34.24
N PRO C 176 13.19 17.56 34.23
CA PRO C 176 13.40 18.61 33.24
C PRO C 176 13.53 18.02 31.84
N ASN C 177 13.28 18.83 30.82
CA ASN C 177 13.39 18.38 29.43
C ASN C 177 14.81 17.97 29.06
N GLY C 178 14.97 16.76 28.54
CA GLY C 178 16.28 16.26 28.13
C GLY C 178 16.30 14.79 27.77
N SER C 179 17.50 14.21 27.74
CA SER C 179 17.68 12.81 27.37
C SER C 179 18.16 11.96 28.54
N TYR C 180 17.62 10.75 28.64
CA TYR C 180 17.96 9.83 29.72
C TYR C 180 18.27 8.44 29.18
N ASN C 181 18.88 7.59 30.00
CA ASN C 181 19.24 6.24 29.57
C ASN C 181 18.67 5.18 30.50
N ILE C 182 18.25 4.05 29.94
CA ILE C 182 17.69 2.96 30.75
C ILE C 182 18.60 1.74 30.77
N ALA C 183 18.56 1.04 31.91
CA ALA C 183 19.24 -0.23 32.06
C ALA C 183 18.26 -1.23 32.67
N ILE C 184 18.12 -2.38 32.03
CA ILE C 184 17.09 -3.33 32.43
C ILE C 184 17.67 -4.68 32.82
N THR C 185 17.38 -5.11 34.04
CA THR C 185 17.83 -6.41 34.52
C THR C 185 16.64 -7.35 34.68
N ALA C 186 16.77 -8.56 34.16
CA ALA C 186 15.69 -9.54 34.21
C ALA C 186 16.20 -10.93 34.57
N SER C 187 15.52 -11.58 35.50
CA SER C 187 15.93 -12.91 35.96
C SER C 187 14.73 -13.82 36.21
N ASN C 188 14.95 -15.13 36.12
CA ASN C 188 13.92 -16.10 36.44
C ASN C 188 14.36 -17.11 37.50
N GLY C 189 13.84 -16.94 38.72
CA GLY C 189 14.22 -17.78 39.84
C GLY C 189 15.67 -17.65 40.26
N GLY C 190 16.13 -16.41 40.37
CA GLY C 190 17.50 -16.14 40.80
C GLY C 190 18.56 -16.50 39.78
N THR C 191 18.12 -16.82 38.56
CA THR C 191 19.04 -17.09 37.46
C THR C 191 18.97 -15.94 36.46
N GLN C 192 20.11 -15.29 36.23
CA GLN C 192 20.15 -14.06 35.45
C GLN C 192 19.87 -14.33 33.97
N LEU C 193 19.12 -13.42 33.34
CA LEU C 193 18.76 -13.57 31.93
C LEU C 193 19.27 -12.44 31.05
N VAL C 194 19.48 -12.75 29.76
CA VAL C 194 19.84 -11.75 28.75
C VAL C 194 18.66 -10.84 28.40
N ALA C 195 18.80 -9.55 28.64
CA ALA C 195 17.72 -8.60 28.37
C ALA C 195 18.16 -7.48 27.44
N GLN C 196 17.54 -7.41 26.27
CA GLN C 196 17.88 -6.40 25.27
C GLN C 196 16.95 -5.19 25.33
N PRO C 197 17.50 -4.02 25.67
CA PRO C 197 16.74 -2.76 25.77
C PRO C 197 16.34 -2.19 24.40
N LEU C 198 15.21 -1.50 24.35
CA LEU C 198 14.65 -0.96 23.11
C LEU C 198 14.30 0.53 23.23
N GLN C 199 14.46 1.27 22.13
CA GLN C 199 14.26 2.72 22.13
C GLN C 199 13.25 3.18 21.06
N PHE C 200 12.53 4.26 21.36
CA PHE C 200 11.55 4.84 20.44
C PHE C 200 12.26 5.67 19.37
N ALA C 201 11.78 5.60 18.14
CA ALA C 201 12.39 6.34 17.04
C ALA C 201 11.40 6.80 15.96
N LEU C 202 11.41 8.10 15.68
CA LEU C 202 10.55 8.65 14.63
C LEU C 202 11.20 8.41 13.27
N VAL C 203 10.47 7.80 12.34
CA VAL C 203 11.01 7.50 11.02
C VAL C 203 10.99 8.75 10.12
N GLN C 204 12.09 8.97 9.39
CA GLN C 204 12.20 10.15 8.54
C GLN C 204 12.44 9.81 7.07
N GLY C 205 12.79 8.56 6.79
CA GLY C 205 13.03 8.13 5.43
C GLY C 205 13.40 6.67 5.29
N VAL C 206 13.59 6.22 4.05
CA VAL C 206 13.93 4.84 3.78
C VAL C 206 15.24 4.73 3.01
N LEU C 215 16.21 1.94 7.14
CA LEU C 215 15.42 3.13 7.47
C LEU C 215 16.29 4.21 8.10
N ASP C 216 16.00 5.46 7.78
CA ASP C 216 16.75 6.59 8.33
C ASP C 216 15.90 7.29 9.40
N LEU C 217 16.37 7.26 10.64
CA LEU C 217 15.60 7.79 11.77
C LEU C 217 16.09 9.15 12.28
N GLY C 218 16.94 9.81 11.50
CA GLY C 218 17.44 11.12 11.87
C GLY C 218 18.44 11.14 13.00
N THR C 219 18.06 11.78 14.11
CA THR C 219 18.89 11.88 15.30
C THR C 219 19.51 10.53 15.69
N TYR C 220 18.69 9.48 15.68
CA TYR C 220 19.14 8.15 16.04
C TYR C 220 20.05 7.55 14.96
N GLY C 221 20.02 8.12 13.77
CA GLY C 221 20.84 7.63 12.67
C GLY C 221 20.04 6.72 11.75
N THR C 222 20.65 5.61 11.34
CA THR C 222 20.02 4.70 10.39
C THR C 222 19.79 3.32 11.00
N THR C 223 18.82 2.58 10.45
CA THR C 223 18.48 1.26 10.96
C THR C 223 17.91 0.33 9.89
N THR C 224 18.14 -0.97 10.05
CA THR C 224 17.50 -1.97 9.21
C THR C 224 16.06 -2.15 9.69
N LEU C 225 15.26 -2.87 8.92
CA LEU C 225 13.88 -3.12 9.30
C LEU C 225 13.79 -4.34 10.19
N ASP C 226 14.71 -5.28 9.99
CA ASP C 226 14.73 -6.49 10.78
C ASP C 226 15.15 -6.19 12.21
N GLU C 227 15.85 -5.07 12.40
CA GLU C 227 16.26 -4.67 13.73
C GLU C 227 15.20 -3.79 14.38
N VAL C 228 14.14 -3.49 13.63
CA VAL C 228 13.00 -2.79 14.19
C VAL C 228 12.07 -3.80 14.84
N ARG C 229 11.80 -3.63 16.13
CA ARG C 229 10.99 -4.58 16.88
C ARG C 229 9.48 -4.35 16.76
N GLN C 230 9.05 -3.09 16.75
CA GLN C 230 7.62 -2.78 16.61
C GLN C 230 7.35 -1.42 15.98
N ILE C 231 6.25 -1.34 15.24
CA ILE C 231 5.85 -0.11 14.57
C ILE C 231 4.59 0.45 15.20
N ILE C 232 4.60 1.74 15.52
CA ILE C 232 3.46 2.40 16.14
C ILE C 232 2.93 3.54 15.28
N VAL D 68 15.45 -29.82 -24.29
CA VAL D 68 15.88 -28.60 -24.98
C VAL D 68 14.73 -27.59 -25.10
N SER D 69 13.55 -28.08 -25.46
CA SER D 69 12.38 -27.24 -25.57
C SER D 69 11.97 -26.67 -24.22
N GLY D 70 12.07 -27.50 -23.18
CA GLY D 70 11.72 -27.07 -21.84
C GLY D 70 12.58 -25.93 -21.32
N ILE D 71 13.89 -26.04 -21.51
CA ILE D 71 14.81 -25.00 -21.05
C ILE D 71 14.60 -23.65 -21.74
N GLU D 72 14.46 -23.69 -23.06
CA GLU D 72 14.22 -22.46 -23.82
C GLU D 72 12.84 -21.88 -23.50
N LYS D 73 11.88 -22.75 -23.21
CA LYS D 73 10.55 -22.31 -22.82
C LYS D 73 10.57 -21.70 -21.42
N LEU D 74 11.35 -22.28 -20.52
CA LEU D 74 11.52 -21.71 -19.18
C LEU D 74 12.13 -20.32 -19.24
N ASN D 75 13.07 -20.10 -20.15
CA ASN D 75 13.69 -18.78 -20.31
C ASN D 75 12.68 -17.74 -20.78
N THR D 76 11.89 -18.10 -21.78
CA THR D 76 10.88 -17.21 -22.32
C THR D 76 9.76 -16.89 -21.32
N THR D 77 9.34 -17.89 -20.55
CA THR D 77 8.28 -17.69 -19.56
C THR D 77 8.78 -16.88 -18.36
N LEU D 78 9.99 -17.15 -17.92
CA LEU D 78 10.58 -16.42 -16.80
C LEU D 78 10.88 -14.99 -17.20
N GLY D 79 11.15 -14.79 -18.49
CA GLY D 79 11.34 -13.45 -19.03
C GLY D 79 10.06 -12.63 -18.94
N ALA D 80 8.93 -13.27 -19.20
CA ALA D 80 7.63 -12.62 -19.07
C ALA D 80 7.38 -12.25 -17.61
N ILE D 81 7.82 -13.14 -16.72
CA ILE D 81 7.72 -12.93 -15.29
C ILE D 81 8.50 -11.69 -14.89
N SER D 82 9.69 -11.53 -15.44
CA SER D 82 10.51 -10.36 -15.19
C SER D 82 9.81 -9.08 -15.63
N GLY D 83 9.13 -9.14 -16.77
CA GLY D 83 8.39 -8.00 -17.26
C GLY D 83 7.22 -7.60 -16.36
N GLN D 84 6.46 -8.58 -15.89
CA GLN D 84 5.32 -8.30 -15.04
C GLN D 84 5.74 -7.72 -13.68
N ILE D 85 6.78 -8.28 -13.09
CA ILE D 85 7.18 -7.86 -11.75
C ILE D 85 7.55 -6.37 -11.68
N ASP D 86 8.28 -5.88 -12.68
CA ASP D 86 8.68 -4.48 -12.66
C ASP D 86 7.49 -3.53 -12.87
N ASN D 87 6.55 -3.93 -13.72
CA ASN D 87 5.38 -3.07 -13.98
C ASN D 87 4.43 -3.10 -12.78
N SER D 88 4.44 -4.21 -12.05
CA SER D 88 3.70 -4.27 -10.80
C SER D 88 4.35 -3.27 -9.85
N GLN D 89 5.68 -3.25 -9.85
CA GLN D 89 6.43 -2.25 -9.08
C GLN D 89 6.09 -0.84 -9.56
N SER D 90 5.86 -0.71 -10.86
CA SER D 90 5.47 0.58 -11.44
C SER D 90 4.18 1.09 -10.81
N LEU D 91 3.22 0.19 -10.61
CA LEU D 91 2.00 0.57 -9.93
C LEU D 91 2.34 0.97 -8.49
N GLN D 92 3.28 0.25 -7.88
CA GLN D 92 3.76 0.57 -6.55
C GLN D 92 4.44 1.94 -6.48
N ALA D 93 5.09 2.34 -7.57
CA ALA D 93 5.79 3.61 -7.63
C ALA D 93 4.87 4.80 -7.40
N THR D 94 3.58 4.61 -7.62
CA THR D 94 2.60 5.66 -7.37
C THR D 94 2.64 6.07 -5.89
N THR D 95 3.09 5.15 -5.04
CA THR D 95 3.25 5.44 -3.61
C THR D 95 4.32 6.50 -3.41
N LEU D 96 5.30 6.53 -4.30
CA LEU D 96 6.40 7.47 -4.17
C LEU D 96 5.97 8.89 -4.48
N ILE D 97 4.88 9.01 -5.24
CA ILE D 97 4.40 10.31 -5.70
C ILE D 97 4.07 11.22 -4.53
N GLY D 98 4.83 12.30 -4.42
CA GLY D 98 4.67 13.23 -3.32
C GLY D 98 5.90 13.29 -2.45
N HIS D 99 6.72 12.24 -2.52
CA HIS D 99 7.90 12.12 -1.66
C HIS D 99 9.17 12.63 -2.36
N GLY D 100 10.28 11.94 -2.13
CA GLY D 100 11.54 12.28 -2.76
C GLY D 100 12.52 11.13 -2.68
N VAL D 101 13.50 11.10 -3.58
CA VAL D 101 14.45 9.99 -3.66
C VAL D 101 15.91 10.43 -3.76
N MET D 102 16.82 9.48 -3.57
CA MET D 102 18.24 9.71 -3.75
C MET D 102 18.75 9.01 -4.98
N VAL D 103 19.26 9.77 -5.94
CA VAL D 103 19.73 9.23 -7.21
C VAL D 103 21.09 9.86 -7.56
N PRO D 104 21.88 9.20 -8.42
CA PRO D 104 23.15 9.79 -8.88
C PRO D 104 23.00 11.20 -9.45
N GLY D 105 23.84 12.12 -8.99
CA GLY D 105 23.79 13.51 -9.42
C GLY D 105 24.53 14.44 -8.47
N THR D 106 24.63 15.71 -8.84
CA THR D 106 25.38 16.67 -8.02
C THR D 106 24.65 17.98 -7.75
N THR D 107 23.49 18.19 -8.38
CA THR D 107 22.77 19.46 -8.29
C THR D 107 22.13 19.68 -6.92
N ILE D 108 22.29 20.89 -6.39
CA ILE D 108 21.62 21.27 -5.15
C ILE D 108 20.95 22.65 -5.27
N LEU D 109 19.64 22.65 -5.04
CA LEU D 109 18.82 23.85 -5.09
C LEU D 109 18.54 24.35 -3.67
N ALA D 110 18.02 25.56 -3.53
CA ALA D 110 17.68 26.06 -2.21
C ALA D 110 16.51 27.06 -2.25
N GLY D 111 15.57 26.88 -1.32
CA GLY D 111 14.40 27.74 -1.23
C GLY D 111 13.74 27.56 0.12
N LYS D 112 12.78 28.42 0.44
CA LYS D 112 12.03 28.31 1.68
C LYS D 112 10.54 28.51 1.43
N VAL D 119 14.88 30.17 8.61
CA VAL D 119 16.23 29.63 8.50
C VAL D 119 16.37 28.80 7.22
N THR D 120 17.45 29.02 6.49
CA THR D 120 17.71 28.31 5.24
C THR D 120 17.97 26.82 5.45
N SER D 121 17.43 26.01 4.54
CA SER D 121 17.62 24.57 4.54
C SER D 121 18.15 24.13 3.17
N THR D 122 18.64 22.90 3.09
CA THR D 122 19.29 22.44 1.87
C THR D 122 18.72 21.11 1.38
N THR D 123 18.50 21.01 0.07
CA THR D 123 18.12 19.75 -0.54
C THR D 123 19.30 18.78 -0.34
N PRO D 124 19.00 17.61 0.25
CA PRO D 124 20.04 16.67 0.70
C PRO D 124 20.95 16.11 -0.39
N PHE D 125 22.14 15.68 0.04
CA PHE D 125 23.11 15.07 -0.86
C PHE D 125 23.64 13.78 -0.24
N GLY D 126 24.47 13.05 -0.97
CA GLY D 126 25.00 11.79 -0.48
C GLY D 126 26.14 11.20 -1.27
N VAL D 127 26.53 9.98 -0.88
CA VAL D 127 27.64 9.26 -1.51
C VAL D 127 27.50 7.76 -1.20
N GLU D 128 27.84 6.91 -2.17
CA GLU D 128 27.80 5.47 -1.93
C GLU D 128 29.19 4.83 -2.10
N LEU D 129 29.50 3.86 -1.25
CA LEU D 129 30.77 3.16 -1.31
C LEU D 129 30.52 1.65 -1.32
N GLN D 130 31.30 0.93 -2.12
CA GLN D 130 31.21 -0.53 -2.16
C GLN D 130 32.08 -1.19 -1.08
N ALA D 133 35.78 4.20 3.11
CA ALA D 133 36.88 5.17 3.15
C ALA D 133 37.10 5.65 4.58
N ASP D 134 38.31 6.16 4.85
CA ASP D 134 38.63 6.69 6.18
C ASP D 134 38.72 8.22 6.20
N LYS D 135 38.92 8.81 5.02
CA LYS D 135 39.01 10.25 4.90
C LYS D 135 38.11 10.73 3.76
N VAL D 136 37.11 11.55 4.09
CA VAL D 136 36.16 12.04 3.09
C VAL D 136 35.92 13.53 3.20
N THR D 137 36.31 14.28 2.16
CA THR D 137 36.07 15.72 2.13
C THR D 137 35.13 16.05 0.98
N ALA D 138 34.28 17.06 1.16
CA ALA D 138 33.29 17.41 0.15
C ALA D 138 33.30 18.90 -0.19
N THR D 139 33.64 19.22 -1.43
CA THR D 139 33.72 20.60 -1.90
C THR D 139 32.46 21.02 -2.65
N ILE D 140 31.83 22.10 -2.20
CA ILE D 140 30.61 22.61 -2.83
C ILE D 140 30.93 23.84 -3.67
N THR D 141 30.56 23.80 -4.95
CA THR D 141 30.81 24.91 -5.86
C THR D 141 29.51 25.63 -6.22
N ASP D 142 29.62 26.91 -6.58
CA ASP D 142 28.46 27.71 -6.96
C ASP D 142 28.20 27.62 -8.46
N LYS D 143 27.13 28.28 -8.92
CA LYS D 143 26.78 28.34 -10.33
C LYS D 143 27.89 29.04 -11.11
N ASP D 144 28.50 30.03 -10.46
CA ASP D 144 29.57 30.82 -11.05
C ASP D 144 30.89 30.06 -10.99
N GLY D 145 30.90 28.98 -10.22
CA GLY D 145 32.06 28.12 -10.08
C GLY D 145 32.85 28.30 -8.79
N ARG D 146 32.53 29.33 -8.03
CA ARG D 146 33.21 29.58 -6.75
C ARG D 146 32.86 28.53 -5.68
N VAL D 147 33.86 28.12 -4.92
CA VAL D 147 33.71 27.15 -3.84
C VAL D 147 33.16 27.82 -2.58
N VAL D 148 32.07 27.29 -2.04
CA VAL D 148 31.44 27.94 -0.89
C VAL D 148 31.71 27.29 0.49
N ARG D 149 31.83 25.96 0.54
CA ARG D 149 32.10 25.29 1.83
C ARG D 149 32.48 23.81 1.71
N THR D 150 33.46 23.39 2.51
CA THR D 150 33.81 21.98 2.67
C THR D 150 33.61 21.53 4.12
N LEU D 151 33.09 20.33 4.33
CA LEU D 151 32.84 19.84 5.69
C LEU D 151 33.39 18.44 5.92
N GLU D 152 34.24 18.28 6.93
CA GLU D 152 34.63 16.94 7.36
C GLU D 152 33.93 16.53 8.66
N ILE D 153 33.00 15.58 8.58
CA ILE D 153 32.24 15.13 9.74
C ILE D 153 32.92 13.85 10.21
N GLY D 154 33.44 13.08 9.25
CA GLY D 154 34.17 11.86 9.53
C GLY D 154 34.20 10.80 8.44
N GLU D 155 34.42 9.55 8.84
CA GLU D 155 34.47 8.41 7.93
C GLU D 155 33.16 7.62 7.81
N LEU D 156 33.06 6.82 6.76
CA LEU D 156 31.83 6.09 6.47
C LEU D 156 32.09 4.65 6.03
N ARG D 157 31.22 3.76 6.49
CA ARG D 157 31.23 2.35 6.13
C ARG D 157 30.57 2.17 4.76
N ALA D 158 30.74 0.99 4.16
CA ALA D 158 30.15 0.72 2.85
C ALA D 158 28.63 0.84 2.90
N GLY D 159 28.03 1.14 1.76
CA GLY D 159 26.60 1.35 1.67
C GLY D 159 26.28 2.79 1.30
N VAL D 160 25.08 3.24 1.65
CA VAL D 160 24.62 4.57 1.24
C VAL D 160 24.54 5.52 2.44
N HIS D 161 25.02 6.75 2.28
CA HIS D 161 24.91 7.75 3.34
C HIS D 161 24.47 9.09 2.75
N THR D 162 23.48 9.71 3.40
CA THR D 162 22.92 10.97 2.93
C THR D 162 22.86 11.99 4.06
N PHE D 163 23.10 13.26 3.75
CA PHE D 163 23.13 14.28 4.77
C PHE D 163 22.45 15.57 4.30
N THR D 164 22.25 16.50 5.23
CA THR D 164 21.60 17.77 4.93
C THR D 164 22.39 18.94 5.50
N LYS D 168 25.00 27.65 4.56
CA LYS D 168 25.95 28.58 5.14
C LYS D 168 27.27 28.60 4.34
N GLN D 169 27.81 29.79 4.13
CA GLN D 169 29.04 29.94 3.39
C GLN D 169 30.21 29.62 4.34
N THR D 170 31.42 29.58 3.81
CA THR D 170 32.60 29.25 4.61
C THR D 170 32.78 30.27 5.76
N ASP D 171 32.53 31.54 5.46
CA ASP D 171 32.64 32.61 6.43
C ASP D 171 31.50 32.59 7.44
N GLY D 172 30.48 31.77 7.17
CA GLY D 172 29.34 31.62 8.05
C GLY D 172 28.10 32.35 7.57
N THR D 173 28.19 33.01 6.41
CA THR D 173 27.07 33.75 5.86
C THR D 173 26.17 32.80 5.07
N THR D 174 24.90 33.18 4.91
CA THR D 174 23.95 32.36 4.17
C THR D 174 24.19 32.47 2.67
N VAL D 175 24.12 31.33 1.98
CA VAL D 175 24.31 31.30 0.54
C VAL D 175 23.08 31.87 -0.17
N PRO D 176 23.29 32.51 -1.34
CA PRO D 176 22.15 33.06 -2.08
C PRO D 176 21.20 31.98 -2.59
N ASN D 177 19.95 32.36 -2.83
CA ASN D 177 18.96 31.43 -3.38
C ASN D 177 19.38 31.03 -4.79
N GLY D 178 19.53 29.73 -5.03
CA GLY D 178 19.97 29.27 -6.33
C GLY D 178 20.35 27.82 -6.39
N SER D 179 21.13 27.47 -7.40
CA SER D 179 21.55 26.10 -7.63
C SER D 179 23.04 25.94 -7.34
N TYR D 180 23.39 24.81 -6.71
CA TYR D 180 24.78 24.53 -6.37
C TYR D 180 25.17 23.13 -6.79
N ASN D 181 26.48 22.88 -6.84
CA ASN D 181 27.00 21.58 -7.27
C ASN D 181 27.95 21.00 -6.23
N ILE D 182 27.95 19.67 -6.11
CA ILE D 182 28.81 19.02 -5.13
C ILE D 182 29.95 18.24 -5.79
N ALA D 183 31.09 18.20 -5.11
CA ALA D 183 32.21 17.38 -5.51
C ALA D 183 32.69 16.62 -4.29
N ILE D 184 32.80 15.29 -4.41
CA ILE D 184 33.09 14.46 -3.24
C ILE D 184 34.35 13.63 -3.42
N THR D 185 35.28 13.79 -2.48
CA THR D 185 36.52 13.03 -2.47
C THR D 185 36.52 12.02 -1.33
N ALA D 186 36.88 10.78 -1.64
CA ALA D 186 36.89 9.71 -0.67
C ALA D 186 38.17 8.90 -0.82
N SER D 187 38.84 8.62 0.30
CA SER D 187 40.11 7.92 0.25
C SER D 187 40.27 6.93 1.40
N ASN D 188 41.09 5.90 1.17
CA ASN D 188 41.42 4.92 2.19
C ASN D 188 42.93 4.88 2.38
N GLY D 189 43.41 5.50 3.45
CA GLY D 189 44.83 5.64 3.68
C GLY D 189 45.43 6.48 2.57
N GLY D 190 44.76 7.56 2.24
CA GLY D 190 45.21 8.47 1.19
C GLY D 190 45.09 7.88 -0.20
N THR D 191 44.42 6.73 -0.32
CA THR D 191 44.16 6.11 -1.62
C THR D 191 42.68 6.24 -2.00
N GLN D 192 42.44 6.90 -3.12
CA GLN D 192 41.08 7.26 -3.54
C GLN D 192 40.21 6.09 -3.99
N LEU D 193 38.92 6.17 -3.66
CA LEU D 193 37.94 5.15 -4.03
C LEU D 193 36.91 5.75 -4.97
N VAL D 194 36.26 4.90 -5.76
CA VAL D 194 35.17 5.34 -6.63
C VAL D 194 33.96 5.79 -5.79
N ALA D 195 33.62 7.07 -5.91
CA ALA D 195 32.54 7.66 -5.14
C ALA D 195 31.49 8.32 -6.02
N GLN D 196 30.27 7.78 -5.98
CA GLN D 196 29.16 8.33 -6.74
C GLN D 196 28.35 9.27 -5.85
N PRO D 197 28.31 10.55 -6.19
CA PRO D 197 27.55 11.52 -5.41
C PRO D 197 26.05 11.28 -5.59
N LEU D 198 25.25 11.64 -4.60
CA LEU D 198 23.83 11.33 -4.63
C LEU D 198 22.97 12.58 -4.48
N GLN D 199 21.86 12.62 -5.19
CA GLN D 199 21.03 13.81 -5.27
C GLN D 199 19.54 13.60 -4.98
N PHE D 200 18.92 14.63 -4.41
CA PHE D 200 17.49 14.60 -4.10
C PHE D 200 16.65 14.87 -5.34
N ALA D 201 15.52 14.19 -5.43
CA ALA D 201 14.58 14.39 -6.52
C ALA D 201 13.14 14.20 -6.02
N LEU D 202 12.31 15.23 -6.16
CA LEU D 202 10.91 15.17 -5.76
C LEU D 202 10.06 14.52 -6.85
N VAL D 203 9.25 13.54 -6.46
CA VAL D 203 8.37 12.85 -7.41
C VAL D 203 7.08 13.61 -7.71
N GLN D 204 6.73 13.69 -9.00
CA GLN D 204 5.53 14.38 -9.46
C GLN D 204 4.61 13.42 -10.21
N GLY D 205 5.15 12.28 -10.60
CA GLY D 205 4.39 11.29 -11.33
C GLY D 205 5.22 10.06 -11.69
N VAL D 206 4.59 9.11 -12.35
CA VAL D 206 5.27 7.90 -12.78
C VAL D 206 5.07 7.73 -14.30
N THR D 207 6.17 7.59 -15.02
CA THR D 207 6.15 7.58 -16.48
C THR D 207 6.54 6.20 -17.04
N LYS D 208 6.21 5.95 -18.29
CA LYS D 208 6.51 4.67 -18.95
C LYS D 208 7.71 4.83 -19.90
N GLY D 209 8.77 4.09 -19.65
CA GLY D 209 9.96 4.16 -20.49
C GLY D 209 10.00 3.14 -21.61
N SER D 210 11.16 3.04 -22.28
CA SER D 210 11.30 2.14 -23.41
C SER D 210 11.93 0.78 -23.08
N ASN D 211 12.78 0.75 -22.05
CA ASN D 211 13.42 -0.50 -21.64
C ASN D 211 12.73 -1.00 -20.39
N GLY D 212 12.08 -0.06 -19.70
CA GLY D 212 11.24 -0.36 -18.57
C GLY D 212 10.65 0.94 -18.06
N ASN D 213 9.67 0.82 -17.17
CA ASN D 213 9.01 1.98 -16.59
C ASN D 213 9.94 2.91 -15.81
N LEU D 214 9.66 4.20 -15.88
CA LEU D 214 10.51 5.21 -15.26
C LEU D 214 9.78 6.03 -14.20
N LEU D 215 10.56 6.71 -13.36
CA LEU D 215 10.00 7.60 -12.34
C LEU D 215 10.16 9.02 -12.84
N ASP D 216 9.23 9.90 -12.49
CA ASP D 216 9.32 11.28 -12.95
C ASP D 216 9.81 12.18 -11.83
N LEU D 217 11.00 12.73 -12.02
CA LEU D 217 11.65 13.56 -11.01
C LEU D 217 11.46 15.01 -11.39
N GLY D 218 10.62 15.22 -12.40
CA GLY D 218 10.31 16.55 -12.90
C GLY D 218 11.49 17.16 -13.63
N THR D 219 11.95 18.30 -13.12
CA THR D 219 13.09 19.03 -13.67
C THR D 219 14.29 18.12 -13.95
N TYR D 220 14.61 17.26 -12.99
CA TYR D 220 15.75 16.38 -13.11
C TYR D 220 15.55 15.27 -14.14
N GLY D 221 14.29 15.03 -14.53
CA GLY D 221 13.98 14.04 -15.54
C GLY D 221 13.53 12.70 -14.96
N THR D 222 14.01 11.61 -15.56
CA THR D 222 13.57 10.28 -15.15
C THR D 222 14.70 9.37 -14.65
N THR D 223 14.33 8.37 -13.86
CA THR D 223 15.29 7.40 -13.35
C THR D 223 14.59 6.07 -13.06
N THR D 224 15.34 4.98 -13.16
CA THR D 224 14.83 3.66 -12.77
C THR D 224 14.83 3.49 -11.26
N LEU D 225 14.33 2.34 -10.79
CA LEU D 225 14.24 2.07 -9.36
C LEU D 225 15.53 1.52 -8.80
N ASP D 226 16.29 0.80 -9.62
CA ASP D 226 17.55 0.23 -9.19
C ASP D 226 18.56 1.36 -8.99
N GLU D 227 18.30 2.50 -9.64
CA GLU D 227 19.18 3.66 -9.55
C GLU D 227 18.78 4.57 -8.40
N VAL D 228 17.74 4.20 -7.67
CA VAL D 228 17.36 4.91 -6.45
C VAL D 228 18.15 4.40 -5.25
N ARG D 229 18.93 5.28 -4.62
CA ARG D 229 19.80 4.90 -3.51
C ARG D 229 19.11 4.95 -2.14
N GLN D 230 18.26 5.95 -1.96
CA GLN D 230 17.49 6.10 -0.72
C GLN D 230 16.23 6.90 -0.99
N ILE D 231 15.16 6.61 -0.24
CA ILE D 231 13.90 7.33 -0.41
C ILE D 231 13.63 8.24 0.80
N ILE D 232 13.25 9.48 0.51
CA ILE D 232 13.01 10.49 1.54
C ILE D 232 11.56 10.93 1.53
N THR E 67 15.10 -37.16 -15.88
CA THR E 67 15.43 -35.76 -16.14
C THR E 67 14.57 -35.19 -17.27
N VAL E 68 14.28 -36.04 -18.26
CA VAL E 68 13.41 -35.66 -19.36
C VAL E 68 12.00 -35.34 -18.84
N SER E 69 11.49 -36.20 -17.98
CA SER E 69 10.19 -36.01 -17.35
C SER E 69 10.18 -34.81 -16.39
N GLY E 70 11.26 -34.67 -15.64
CA GLY E 70 11.40 -33.60 -14.65
C GLY E 70 11.33 -32.17 -15.17
N ILE E 71 12.01 -31.89 -16.27
CA ILE E 71 12.03 -30.54 -16.83
C ILE E 71 10.65 -30.04 -17.25
N GLU E 72 9.85 -30.90 -17.88
CA GLU E 72 8.51 -30.52 -18.31
C GLU E 72 7.56 -30.26 -17.14
N LYS E 73 7.74 -30.96 -16.02
CA LYS E 73 6.91 -30.73 -14.85
C LYS E 73 7.24 -29.37 -14.22
N LEU E 74 8.53 -29.06 -14.15
CA LEU E 74 9.00 -27.75 -13.69
C LEU E 74 8.53 -26.67 -14.67
N ASN E 75 8.54 -27.02 -15.95
CA ASN E 75 8.15 -26.13 -17.03
C ASN E 75 6.69 -25.69 -16.93
N THR E 76 5.80 -26.64 -16.65
CA THR E 76 4.39 -26.37 -16.47
C THR E 76 4.13 -25.48 -15.24
N THR E 77 4.94 -25.68 -14.20
CA THR E 77 4.79 -24.95 -12.95
C THR E 77 5.07 -23.45 -13.05
N LEU E 78 6.08 -23.07 -13.83
CA LEU E 78 6.40 -21.66 -13.99
C LEU E 78 5.28 -20.94 -14.74
N GLY E 79 4.60 -21.67 -15.62
CA GLY E 79 3.42 -21.14 -16.29
C GLY E 79 2.27 -20.89 -15.32
N ALA E 80 2.08 -21.83 -14.39
CA ALA E 80 1.06 -21.70 -13.35
C ALA E 80 1.33 -20.54 -12.39
N ILE E 81 2.60 -20.36 -12.04
CA ILE E 81 3.01 -19.27 -11.16
C ILE E 81 2.72 -17.90 -11.78
N SER E 82 2.99 -17.77 -13.08
CA SER E 82 2.71 -16.54 -13.82
C SER E 82 1.24 -16.16 -13.74
N GLY E 83 0.38 -17.17 -13.80
CA GLY E 83 -1.05 -16.98 -13.63
C GLY E 83 -1.36 -16.44 -12.25
N GLN E 84 -0.67 -16.98 -11.24
CA GLN E 84 -0.80 -16.54 -9.86
C GLN E 84 -0.34 -15.10 -9.72
N ILE E 85 0.75 -14.78 -10.40
CA ILE E 85 1.35 -13.45 -10.38
C ILE E 85 0.35 -12.39 -10.87
N ASP E 86 -0.47 -12.78 -11.83
CA ASP E 86 -1.48 -11.90 -12.43
C ASP E 86 -2.56 -11.44 -11.46
N ASN E 87 -2.86 -12.29 -10.48
CA ASN E 87 -3.92 -11.98 -9.53
C ASN E 87 -3.57 -10.84 -8.58
N SER E 88 -2.29 -10.72 -8.24
CA SER E 88 -1.81 -9.57 -7.47
C SER E 88 -1.92 -8.29 -8.28
N GLN E 89 -1.62 -8.39 -9.57
CA GLN E 89 -1.71 -7.26 -10.50
C GLN E 89 -3.09 -6.61 -10.56
N SER E 90 -4.14 -7.41 -10.49
CA SER E 90 -5.49 -6.84 -10.46
C SER E 90 -5.71 -5.96 -9.23
N LEU E 91 -5.36 -6.49 -8.05
CA LEU E 91 -5.48 -5.75 -6.79
C LEU E 91 -4.55 -4.54 -6.75
N GLN E 92 -3.36 -4.71 -7.32
CA GLN E 92 -2.39 -3.64 -7.36
C GLN E 92 -2.93 -2.44 -8.12
N ALA E 93 -3.69 -2.68 -9.18
CA ALA E 93 -4.25 -1.59 -9.98
C ALA E 93 -5.22 -0.70 -9.21
N THR E 94 -5.83 -1.25 -8.16
CA THR E 94 -6.77 -0.48 -7.35
C THR E 94 -6.11 0.73 -6.69
N THR E 95 -4.80 0.68 -6.50
CA THR E 95 -4.08 1.80 -5.92
C THR E 95 -4.16 3.03 -6.82
N LEU E 96 -4.36 2.82 -8.11
CA LEU E 96 -4.42 3.95 -9.06
C LEU E 96 -5.72 4.71 -8.87
N ILE E 97 -6.72 4.05 -8.29
CA ILE E 97 -8.05 4.65 -8.16
C ILE E 97 -7.97 5.91 -7.31
N GLY E 98 -8.34 7.03 -7.91
CA GLY E 98 -8.25 8.31 -7.23
C GLY E 98 -7.20 9.18 -7.87
N HIS E 99 -6.26 8.55 -8.57
CA HIS E 99 -5.17 9.27 -9.21
C HIS E 99 -5.58 9.54 -10.64
N GLY E 100 -4.97 10.57 -11.22
CA GLY E 100 -5.26 10.90 -12.61
C GLY E 100 -4.18 10.31 -13.48
N VAL E 101 -4.48 10.10 -14.74
CA VAL E 101 -3.50 9.51 -15.64
C VAL E 101 -3.40 10.29 -16.93
N MET E 102 -2.35 10.00 -17.69
CA MET E 102 -2.19 10.62 -18.99
C MET E 102 -2.37 9.58 -20.08
N VAL E 103 -3.37 9.85 -20.92
CA VAL E 103 -3.76 8.94 -21.98
C VAL E 103 -3.92 9.74 -23.25
N PRO E 104 -3.83 9.09 -24.42
CA PRO E 104 -4.01 9.78 -25.70
C PRO E 104 -5.30 10.59 -25.71
N GLY E 105 -5.22 11.84 -26.15
CA GLY E 105 -6.36 12.73 -26.18
C GLY E 105 -5.92 14.16 -26.28
N THR E 106 -6.88 15.07 -26.42
CA THR E 106 -6.57 16.49 -26.59
C THR E 106 -7.38 17.36 -25.65
N THR E 107 -8.27 16.73 -24.90
CA THR E 107 -9.20 17.46 -24.05
C THR E 107 -8.55 18.11 -22.84
N ILE E 108 -8.91 19.37 -22.61
CA ILE E 108 -8.49 20.09 -21.42
C ILE E 108 -9.71 20.78 -20.81
N LEU E 109 -9.96 20.53 -19.53
CA LEU E 109 -11.11 21.15 -18.90
C LEU E 109 -10.68 22.41 -18.15
N ALA E 110 -11.68 23.22 -17.79
CA ALA E 110 -11.44 24.47 -17.11
C ALA E 110 -12.62 24.75 -16.19
N GLY E 111 -12.35 25.23 -14.98
CA GLY E 111 -13.39 25.44 -14.01
C GLY E 111 -13.07 26.40 -12.89
N LYS E 112 -14.10 26.68 -12.10
CA LYS E 112 -14.00 27.57 -10.95
C LYS E 112 -14.65 26.90 -9.76
N GLY E 113 -14.10 27.12 -8.57
CA GLY E 113 -14.66 26.53 -7.37
C GLY E 113 -15.91 27.27 -6.95
N ALA E 114 -16.69 26.66 -6.06
CA ALA E 114 -17.91 27.29 -5.58
C ALA E 114 -17.59 28.46 -4.65
N GLU E 115 -16.37 28.47 -4.12
CA GLU E 115 -15.93 29.55 -3.26
C GLU E 115 -15.82 30.86 -4.05
N GLU E 116 -15.71 31.98 -3.34
CA GLU E 116 -15.46 33.26 -3.98
C GLU E 116 -13.98 33.61 -3.83
N GLY E 117 -13.42 34.26 -4.85
CA GLY E 117 -11.98 34.44 -4.93
C GLY E 117 -11.34 33.18 -5.50
N ALA E 118 -12.19 32.31 -6.05
CA ALA E 118 -11.76 31.04 -6.64
C ALA E 118 -10.88 31.27 -7.86
N VAL E 119 -9.78 30.54 -7.94
CA VAL E 119 -8.86 30.68 -9.07
C VAL E 119 -9.11 29.57 -10.09
N THR E 120 -9.21 29.96 -11.35
CA THR E 120 -9.44 29.01 -12.43
C THR E 120 -8.23 28.10 -12.64
N SER E 121 -8.50 26.81 -12.81
CA SER E 121 -7.46 25.83 -13.09
C SER E 121 -7.82 24.99 -14.31
N THR E 122 -6.84 24.28 -14.84
CA THR E 122 -7.03 23.47 -16.05
C THR E 122 -6.48 22.05 -15.86
N THR E 123 -7.21 21.06 -16.35
CA THR E 123 -6.70 19.69 -16.37
C THR E 123 -5.47 19.63 -17.28
N PRO E 124 -4.35 19.14 -16.73
CA PRO E 124 -3.05 19.16 -17.39
C PRO E 124 -3.04 18.36 -18.69
N PHE E 125 -2.11 18.68 -19.58
CA PHE E 125 -2.00 18.00 -20.85
C PHE E 125 -0.57 17.54 -21.02
N GLY E 126 -0.30 16.86 -22.12
CA GLY E 126 1.04 16.35 -22.36
C GLY E 126 1.28 15.95 -23.79
N VAL E 127 2.45 15.36 -24.02
CA VAL E 127 2.87 14.99 -25.36
C VAL E 127 3.91 13.88 -25.28
N GLU E 128 3.87 12.96 -26.22
CA GLU E 128 4.83 11.88 -26.26
C GLU E 128 5.64 12.01 -27.54
N LEU E 129 6.94 11.78 -27.47
CA LEU E 129 7.81 11.93 -28.63
C LEU E 129 8.72 10.72 -28.86
N GLN E 130 8.89 10.35 -30.13
CA GLN E 130 9.82 9.28 -30.47
C GLN E 130 11.22 9.82 -30.68
N GLN E 131 11.30 11.04 -31.22
CA GLN E 131 12.57 11.75 -31.39
C GLN E 131 12.49 13.09 -30.70
N PRO E 132 13.64 13.66 -30.32
CA PRO E 132 13.59 14.99 -29.70
C PRO E 132 13.27 16.09 -30.70
N ALA E 133 12.85 17.26 -30.20
CA ALA E 133 12.48 18.38 -31.05
C ALA E 133 13.03 19.67 -30.46
N ASP E 134 13.19 20.71 -31.28
CA ASP E 134 13.73 21.98 -30.77
C ASP E 134 12.65 23.06 -30.65
N LYS E 135 11.55 22.88 -31.37
CA LYS E 135 10.45 23.82 -31.31
C LYS E 135 9.14 23.08 -31.11
N VAL E 136 8.45 23.38 -30.02
CA VAL E 136 7.20 22.72 -29.68
C VAL E 136 6.14 23.75 -29.34
N THR E 137 5.10 23.81 -30.16
CA THR E 137 4.00 24.75 -29.94
C THR E 137 2.70 24.01 -29.68
N ALA E 138 1.85 24.59 -28.85
CA ALA E 138 0.60 23.96 -28.49
C ALA E 138 -0.55 24.93 -28.71
N THR E 139 -1.44 24.58 -29.63
CA THR E 139 -2.56 25.43 -29.97
C THR E 139 -3.83 25.00 -29.24
N ILE E 140 -4.39 25.92 -28.46
CA ILE E 140 -5.59 25.63 -27.67
C ILE E 140 -6.84 26.26 -28.27
N THR E 141 -7.81 25.41 -28.61
CA THR E 141 -9.07 25.87 -29.17
C THR E 141 -10.24 25.65 -28.22
N ASP E 142 -11.28 26.48 -28.36
CA ASP E 142 -12.49 26.34 -27.56
C ASP E 142 -13.49 25.42 -28.27
N LYS E 143 -14.69 25.30 -27.70
CA LYS E 143 -15.73 24.45 -28.26
C LYS E 143 -16.09 24.80 -29.70
N ASP E 144 -16.02 26.09 -30.04
CA ASP E 144 -16.39 26.53 -31.38
C ASP E 144 -15.28 26.25 -32.40
N GLY E 145 -14.10 25.91 -31.92
CA GLY E 145 -12.98 25.63 -32.80
C GLY E 145 -12.04 26.81 -32.85
N ARG E 146 -12.49 27.93 -32.27
CA ARG E 146 -11.71 29.16 -32.22
C ARG E 146 -10.47 29.00 -31.35
N VAL E 147 -9.34 29.54 -31.82
CA VAL E 147 -8.09 29.46 -31.07
C VAL E 147 -8.05 30.54 -30.00
N VAL E 148 -7.87 30.13 -28.75
CA VAL E 148 -7.86 31.06 -27.64
C VAL E 148 -6.44 31.36 -27.17
N ARG E 149 -5.53 30.42 -27.38
CA ARG E 149 -4.17 30.58 -26.91
C ARG E 149 -3.18 29.66 -27.61
N THR E 150 -2.00 30.20 -27.90
CA THR E 150 -0.89 29.41 -28.42
C THR E 150 0.22 29.41 -27.37
N LEU E 151 0.90 28.28 -27.23
CA LEU E 151 1.91 28.14 -26.18
C LEU E 151 3.23 27.66 -26.74
N GLU E 152 4.30 28.39 -26.40
CA GLU E 152 5.65 28.00 -26.77
C GLU E 152 6.28 27.25 -25.61
N ILE E 153 6.58 25.97 -25.81
CA ILE E 153 6.99 25.12 -24.71
C ILE E 153 8.51 24.99 -24.56
N GLY E 154 9.20 24.67 -25.64
CA GLY E 154 10.65 24.60 -25.60
C GLY E 154 11.18 23.47 -26.45
N GLU E 155 12.36 22.98 -26.09
CA GLU E 155 12.89 21.76 -26.70
C GLU E 155 12.54 20.60 -25.78
N LEU E 156 12.41 19.40 -26.34
CA LEU E 156 12.06 18.22 -25.56
C LEU E 156 12.78 17.00 -26.12
N ARG E 157 13.29 16.15 -25.23
CA ARG E 157 13.87 14.89 -25.67
C ARG E 157 12.76 13.87 -25.83
N ALA E 158 13.07 12.74 -26.45
CA ALA E 158 12.08 11.69 -26.67
C ALA E 158 11.53 11.17 -25.34
N GLY E 159 10.31 10.64 -25.37
CA GLY E 159 9.63 10.17 -24.18
C GLY E 159 8.37 10.95 -23.88
N VAL E 160 7.95 10.94 -22.62
CA VAL E 160 6.68 11.55 -22.22
C VAL E 160 6.92 12.83 -21.42
N HIS E 161 6.14 13.86 -21.75
CA HIS E 161 6.25 15.15 -21.09
C HIS E 161 4.89 15.70 -20.74
N THR E 162 4.78 16.29 -19.56
CA THR E 162 3.50 16.78 -19.07
C THR E 162 3.59 18.25 -18.66
N PHE E 163 2.54 19.01 -18.98
CA PHE E 163 2.52 20.44 -18.74
C PHE E 163 1.19 20.88 -18.18
N THR E 164 1.12 22.12 -17.70
CA THR E 164 -0.11 22.65 -17.15
C THR E 164 -0.37 24.07 -17.66
N TRP E 165 -1.51 24.24 -18.32
CA TRP E 165 -1.87 25.53 -18.88
C TRP E 165 -2.36 26.46 -17.77
N ASP E 166 -1.92 27.71 -17.81
CA ASP E 166 -2.28 28.68 -16.76
C ASP E 166 -3.76 29.04 -16.82
N GLY E 167 -4.44 28.61 -17.88
CA GLY E 167 -5.86 28.87 -18.02
C GLY E 167 -6.18 30.28 -18.48
N LYS E 168 -5.19 30.95 -19.05
CA LYS E 168 -5.40 32.28 -19.59
C LYS E 168 -5.08 32.35 -21.08
N GLN E 169 -5.91 33.06 -21.82
CA GLN E 169 -5.74 33.22 -23.25
C GLN E 169 -4.69 34.28 -23.57
N THR E 170 -4.44 34.48 -24.86
CA THR E 170 -3.38 35.37 -25.33
C THR E 170 -3.45 36.81 -24.79
N ASP E 171 -4.65 37.37 -24.69
CA ASP E 171 -4.79 38.75 -24.23
C ASP E 171 -4.50 38.89 -22.73
N GLY E 172 -4.40 37.77 -22.03
CA GLY E 172 -4.08 37.78 -20.61
C GLY E 172 -5.27 37.60 -19.70
N THR E 173 -6.47 37.50 -20.28
CA THR E 173 -7.69 37.32 -19.50
C THR E 173 -7.94 35.85 -19.21
N THR E 174 -8.71 35.58 -18.15
CA THR E 174 -9.04 34.21 -17.78
C THR E 174 -10.13 33.63 -18.68
N VAL E 175 -9.94 32.39 -19.12
CA VAL E 175 -10.93 31.74 -19.98
C VAL E 175 -12.12 31.25 -19.16
N PRO E 176 -13.31 31.22 -19.79
CA PRO E 176 -14.53 30.73 -19.12
C PRO E 176 -14.44 29.25 -18.80
N ASN E 177 -15.22 28.80 -17.82
CA ASN E 177 -15.26 27.39 -17.47
C ASN E 177 -15.83 26.55 -18.61
N GLY E 178 -15.09 25.54 -19.03
CA GLY E 178 -15.53 24.69 -20.12
C GLY E 178 -14.45 23.74 -20.61
N SER E 179 -14.65 23.21 -21.80
CA SER E 179 -13.72 22.23 -22.35
C SER E 179 -12.95 22.82 -23.53
N TYR E 180 -11.67 22.51 -23.59
CA TYR E 180 -10.81 23.00 -24.65
C TYR E 180 -9.98 21.88 -25.24
N ASN E 181 -9.41 22.11 -26.41
CA ASN E 181 -8.61 21.09 -27.09
C ASN E 181 -7.25 21.59 -27.51
N ILE E 182 -6.26 20.71 -27.44
CA ILE E 182 -4.90 21.07 -27.85
C ILE E 182 -4.47 20.35 -29.12
N ALA E 183 -3.63 21.05 -29.89
CA ALA E 183 -2.98 20.48 -31.05
C ALA E 183 -1.50 20.82 -30.93
N ILE E 184 -0.65 19.80 -31.03
CA ILE E 184 0.78 20.00 -30.77
C ILE E 184 1.64 19.66 -31.98
N THR E 185 2.44 20.64 -32.42
CA THR E 185 3.37 20.45 -33.52
C THR E 185 4.79 20.46 -32.99
N ALA E 186 5.59 19.47 -33.40
CA ALA E 186 6.96 19.36 -32.91
C ALA E 186 7.93 19.02 -34.04
N SER E 187 9.03 19.77 -34.09
CA SER E 187 10.05 19.57 -35.10
C SER E 187 11.44 19.83 -34.55
N ASN E 188 12.44 19.19 -35.16
CA ASN E 188 13.83 19.45 -34.82
C ASN E 188 14.57 19.89 -36.08
N GLY E 189 14.86 21.18 -36.17
CA GLY E 189 15.47 21.76 -37.35
C GLY E 189 14.55 21.72 -38.56
N GLY E 190 13.29 22.11 -38.34
CA GLY E 190 12.30 22.20 -39.40
C GLY E 190 11.78 20.92 -40.02
N THR E 191 12.10 19.77 -39.44
CA THR E 191 11.54 18.52 -39.93
C THR E 191 10.50 17.99 -38.95
N GLN E 192 9.28 17.79 -39.46
CA GLN E 192 8.12 17.49 -38.62
C GLN E 192 8.20 16.11 -37.99
N LEU E 193 7.76 16.01 -36.74
CA LEU E 193 7.78 14.76 -36.00
C LEU E 193 6.38 14.30 -35.59
N VAL E 194 6.23 12.99 -35.43
CA VAL E 194 4.98 12.42 -34.92
C VAL E 194 4.82 12.77 -33.45
N ALA E 195 3.76 13.52 -33.13
CA ALA E 195 3.54 13.96 -31.76
C ALA E 195 2.18 13.50 -31.26
N GLN E 196 2.21 12.66 -30.23
CA GLN E 196 0.99 12.13 -29.64
C GLN E 196 0.53 12.98 -28.47
N PRO E 197 -0.64 13.63 -28.62
CA PRO E 197 -1.17 14.49 -27.56
C PRO E 197 -1.70 13.68 -26.40
N LEU E 198 -1.61 14.24 -25.20
CA LEU E 198 -2.05 13.54 -24.01
C LEU E 198 -3.00 14.44 -23.23
N GLN E 199 -4.02 13.83 -22.64
CA GLN E 199 -5.05 14.58 -21.92
C GLN E 199 -5.21 13.99 -20.53
N PHE E 200 -5.65 14.82 -19.59
CA PHE E 200 -5.84 14.36 -18.22
C PHE E 200 -7.11 13.54 -18.11
N ALA E 201 -7.04 12.47 -17.34
CA ALA E 201 -8.19 11.60 -17.10
C ALA E 201 -8.14 11.02 -15.70
N LEU E 202 -9.21 11.23 -14.96
CA LEU E 202 -9.31 10.71 -13.60
C LEU E 202 -9.75 9.24 -13.57
N VAL E 203 -9.03 8.42 -12.83
CA VAL E 203 -9.40 7.01 -12.72
C VAL E 203 -10.58 6.93 -11.78
N GLN E 204 -11.58 6.14 -12.15
CA GLN E 204 -12.81 6.11 -11.37
C GLN E 204 -13.02 4.73 -10.79
N GLY E 205 -12.30 3.75 -11.34
CA GLY E 205 -12.42 2.38 -10.88
C GLY E 205 -11.57 1.42 -11.67
N VAL E 206 -11.63 0.14 -11.29
CA VAL E 206 -10.91 -0.90 -12.02
C VAL E 206 -11.91 -1.96 -12.47
N THR E 207 -11.91 -2.27 -13.76
CA THR E 207 -12.91 -3.15 -14.35
C THR E 207 -12.26 -4.45 -14.82
N LYS E 208 -13.05 -5.49 -15.00
CA LYS E 208 -12.53 -6.78 -15.43
C LYS E 208 -12.81 -7.00 -16.91
N GLY E 209 -11.74 -7.14 -17.68
CA GLY E 209 -11.85 -7.40 -19.10
C GLY E 209 -11.76 -8.88 -19.42
N SER E 210 -11.62 -9.20 -20.70
CA SER E 210 -11.52 -10.59 -21.11
C SER E 210 -10.04 -10.96 -21.22
N ASN E 211 -9.22 -9.96 -21.51
CA ASN E 211 -7.78 -10.18 -21.63
C ASN E 211 -7.03 -9.66 -20.41
N GLY E 212 -7.61 -8.70 -19.71
CA GLY E 212 -7.01 -8.19 -18.49
C GLY E 212 -7.80 -7.07 -17.84
N ASN E 213 -7.39 -6.68 -16.64
CA ASN E 213 -8.01 -5.58 -15.92
C ASN E 213 -7.99 -4.28 -16.69
N LEU E 214 -9.06 -3.50 -16.57
CA LEU E 214 -9.15 -2.24 -17.29
C LEU E 214 -9.33 -1.08 -16.32
N LEU E 215 -9.04 0.14 -16.76
CA LEU E 215 -9.24 1.31 -15.91
C LEU E 215 -10.49 2.05 -16.36
N ASP E 216 -11.23 2.60 -15.40
CA ASP E 216 -12.43 3.34 -15.73
C ASP E 216 -12.13 4.82 -15.57
N LEU E 217 -12.13 5.55 -16.68
CA LEU E 217 -11.83 6.97 -16.62
C LEU E 217 -13.10 7.81 -16.74
N GLY E 218 -14.25 7.14 -16.64
CA GLY E 218 -15.53 7.82 -16.70
C GLY E 218 -15.85 8.33 -18.09
N THR E 219 -16.02 9.65 -18.19
CA THR E 219 -16.32 10.33 -19.46
C THR E 219 -15.42 9.86 -20.60
N TYR E 220 -14.12 9.75 -20.32
CA TYR E 220 -13.14 9.36 -21.32
C TYR E 220 -13.31 7.89 -21.72
N GLY E 221 -14.02 7.14 -20.88
CA GLY E 221 -14.28 5.75 -21.14
C GLY E 221 -13.36 4.78 -20.42
N THR E 222 -12.91 3.76 -21.13
CA THR E 222 -12.11 2.71 -20.54
C THR E 222 -10.75 2.64 -21.22
N THR E 223 -9.76 2.12 -20.50
CA THR E 223 -8.43 1.98 -21.06
C THR E 223 -7.68 0.82 -20.41
N THR E 224 -6.77 0.24 -21.18
CA THR E 224 -5.86 -0.77 -20.66
C THR E 224 -4.77 -0.06 -19.89
N LEU E 225 -3.88 -0.81 -19.28
CA LEU E 225 -2.81 -0.23 -18.47
C LEU E 225 -1.63 0.19 -19.33
N ASP E 226 -1.40 -0.55 -20.42
CA ASP E 226 -0.26 -0.27 -21.29
C ASP E 226 -0.44 1.05 -22.04
N GLU E 227 -1.67 1.52 -22.14
CA GLU E 227 -1.95 2.77 -22.84
C GLU E 227 -1.86 3.98 -21.93
N VAL E 228 -1.52 3.78 -20.66
CA VAL E 228 -1.29 4.89 -19.76
C VAL E 228 0.13 5.41 -19.92
N ARG E 229 0.26 6.70 -20.23
CA ARG E 229 1.55 7.30 -20.49
C ARG E 229 2.20 7.77 -19.19
N GLN E 230 1.39 8.29 -18.27
CA GLN E 230 1.92 8.75 -17.00
C GLN E 230 0.87 8.72 -15.90
N ILE E 231 1.30 8.47 -14.67
CA ILE E 231 0.40 8.46 -13.52
C ILE E 231 0.67 9.66 -12.63
N ILE E 232 -0.39 10.39 -12.28
CA ILE E 232 -0.25 11.56 -11.43
C ILE E 232 -1.04 11.42 -10.14
#